data_1XU8
#
_entry.id   1XU8
#
_cell.length_a   53.540
_cell.length_b   100.480
_cell.length_c   136.610
_cell.angle_alpha   90.00
_cell.angle_beta   90.00
_cell.angle_gamma   90.00
#
_symmetry.space_group_name_H-M   'P 21 21 21'
#
loop_
_entity.id
_entity.type
_entity.pdbx_description
1 polymer Maspin
2 non-polymer 'SULFATE ION'
3 water water
#
_entity_poly.entity_id   1
_entity_poly.type   'polypeptide(L)'
_entity_poly.pdbx_seq_one_letter_code
;MGQNSMDALQLANSAFAVDLFKQLCEKEPLGNVLFSPICLSTSLSLAQVGAKGDTANEIGQVLHFENVKDVPFGFQTVTS
DVNKLSSFYSLKLIKRLYVDKSLNLSTEFISSTKRPYAKELETVDFKDKLEETKGQINNSIKDLTDGHFENILADNSVND
QTKILVVNAAYFVGKWMKKFPESETKECPFRLNKTDTKPVQMMNMEATFCMGNIDSINCKIIELPFQNKHLSMFILLPKD
VEDESTGLEKIEKQLNSESLSQWTNPSTMANAKVKLSIPKFKVEKMIDPKACLENLGLKHIFSEDTSDFSGMSETKGVAL
SNVIHKVCLEITEDGGDSIEVPGARILQHKDELNADHPFIYIIRHNKTRNIIFFGKFCSP
;
_entity_poly.pdbx_strand_id   A,B
#
loop_
_chem_comp.id
_chem_comp.type
_chem_comp.name
_chem_comp.formula
SO4 non-polymer 'SULFATE ION' 'O4 S -2'
#
# COMPACT_ATOMS: atom_id res chain seq x y z
N SER A 5 -14.29 -30.96 -21.42
CA SER A 5 -13.36 -31.59 -20.43
C SER A 5 -13.26 -30.72 -19.20
N MET A 6 -13.38 -31.33 -18.03
CA MET A 6 -13.41 -30.56 -16.80
C MET A 6 -12.00 -30.27 -16.27
N ASP A 7 -11.09 -29.97 -17.21
CA ASP A 7 -10.01 -29.04 -16.94
C ASP A 7 -10.44 -27.70 -17.57
N ALA A 8 -11.76 -27.43 -17.44
CA ALA A 8 -12.39 -26.10 -17.57
C ALA A 8 -12.19 -25.35 -16.26
N LEU A 9 -11.24 -25.86 -15.48
CA LEU A 9 -10.83 -25.30 -14.23
C LEU A 9 -9.88 -24.18 -14.61
N GLN A 10 -9.30 -24.29 -15.80
CA GLN A 10 -8.50 -23.25 -16.39
C GLN A 10 -9.30 -21.97 -16.44
N LEU A 11 -10.44 -21.98 -17.14
CA LEU A 11 -11.30 -20.81 -17.22
C LEU A 11 -11.60 -20.22 -15.85
N ALA A 12 -11.94 -21.08 -14.90
CA ALA A 12 -12.16 -20.63 -13.52
C ALA A 12 -10.91 -19.91 -13.03
N ASN A 13 -9.74 -20.54 -13.22
CA ASN A 13 -8.51 -19.98 -12.68
C ASN A 13 -8.15 -18.62 -13.25
N SER A 14 -8.50 -18.38 -14.51
CA SER A 14 -8.17 -17.11 -15.15
C SER A 14 -9.20 -16.01 -14.83
N ALA A 15 -10.47 -16.41 -14.74
CA ALA A 15 -11.49 -15.49 -14.23
C ALA A 15 -11.05 -14.92 -12.88
N PHE A 16 -10.79 -15.80 -11.91
CA PHE A 16 -10.30 -15.38 -10.60
C PHE A 16 -9.03 -14.54 -10.68
N ALA A 17 -8.14 -14.88 -11.60
CA ALA A 17 -6.91 -14.11 -11.78
C ALA A 17 -7.20 -12.68 -12.22
N VAL A 18 -8.03 -12.52 -13.25
CA VAL A 18 -8.45 -11.18 -13.67
C VAL A 18 -9.05 -10.42 -12.47
N ASP A 19 -10.05 -11.00 -11.81
CA ASP A 19 -10.72 -10.43 -10.63
C ASP A 19 -9.71 -9.86 -9.64
N LEU A 20 -8.78 -10.70 -9.20
CA LEU A 20 -7.80 -10.33 -8.20
C LEU A 20 -6.75 -9.38 -8.76
N PHE A 21 -6.50 -9.45 -10.06
CA PHE A 21 -5.59 -8.51 -10.70
C PHE A 21 -6.20 -7.11 -10.65
N LYS A 22 -7.51 -7.01 -10.87
CA LYS A 22 -8.20 -5.71 -10.87
C LYS A 22 -8.08 -5.09 -9.48
N GLN A 23 -8.26 -5.93 -8.46
CA GLN A 23 -8.15 -5.51 -7.07
C GLN A 23 -6.75 -4.97 -6.77
N LEU A 24 -5.73 -5.73 -7.14
CA LEU A 24 -4.34 -5.32 -6.93
C LEU A 24 -4.01 -4.03 -7.66
N CYS A 25 -4.53 -3.93 -8.89
CA CYS A 25 -4.48 -2.70 -9.67
C CYS A 25 -5.02 -1.51 -8.91
N GLU A 26 -6.20 -1.70 -8.30
CA GLU A 26 -6.82 -0.65 -7.50
C GLU A 26 -5.93 -0.22 -6.35
N LYS A 27 -5.26 -1.18 -5.72
CA LYS A 27 -4.41 -0.91 -4.55
C LYS A 27 -3.00 -0.38 -4.86
N GLU A 28 -2.48 -0.60 -6.07
CA GLU A 28 -1.18 -0.05 -6.46
C GLU A 28 -1.27 0.52 -7.86
N PRO A 29 -2.02 1.63 -8.03
CA PRO A 29 -2.35 2.10 -9.38
C PRO A 29 -1.14 2.45 -10.23
N LEU A 30 -0.06 2.85 -9.57
CA LEU A 30 1.19 3.21 -10.24
C LEU A 30 2.30 2.17 -10.04
N GLY A 31 2.01 1.09 -9.33
CA GLY A 31 3.02 0.09 -9.02
C GLY A 31 3.15 -1.01 -10.05
N ASN A 32 4.32 -1.68 -10.06
CA ASN A 32 4.50 -2.87 -10.87
C ASN A 32 3.81 -4.02 -10.15
N VAL A 33 2.58 -4.34 -10.50
CA VAL A 33 1.90 -5.48 -9.88
C VAL A 33 2.49 -6.78 -10.44
N LEU A 34 2.77 -7.73 -9.54
CA LEU A 34 3.13 -9.09 -9.91
C LEU A 34 2.64 -10.04 -8.83
N PHE A 35 1.99 -11.11 -9.26
CA PHE A 35 1.49 -12.14 -8.36
C PHE A 35 1.30 -13.44 -9.13
N SER A 36 1.15 -14.56 -8.41
CA SER A 36 1.03 -15.88 -9.02
C SER A 36 -0.36 -16.47 -8.78
N PRO A 37 -1.31 -16.18 -9.68
CA PRO A 37 -2.70 -16.54 -9.40
C PRO A 37 -2.93 -18.03 -9.17
N ILE A 38 -2.11 -18.87 -9.78
CA ILE A 38 -2.27 -20.32 -9.63
C ILE A 38 -2.00 -20.83 -8.21
N CYS A 39 -0.97 -20.28 -7.55
CA CYS A 39 -0.65 -20.63 -6.18
C CYS A 39 -1.81 -20.32 -5.21
N LEU A 40 -2.44 -19.17 -5.42
CA LEU A 40 -3.52 -18.72 -4.56
C LEU A 40 -4.76 -19.55 -4.79
N SER A 41 -5.08 -19.81 -6.06
CA SER A 41 -6.21 -20.67 -6.36
C SER A 41 -5.98 -22.06 -5.75
N THR A 42 -4.76 -22.58 -5.91
CA THR A 42 -4.45 -23.90 -5.38
C THR A 42 -4.63 -23.95 -3.84
N SER A 43 -4.04 -22.98 -3.13
CA SER A 43 -4.13 -22.89 -1.66
C SER A 43 -5.56 -22.75 -1.10
N LEU A 44 -6.34 -21.88 -1.73
CA LEU A 44 -7.73 -21.70 -1.36
C LEU A 44 -8.59 -22.93 -1.69
N SER A 45 -8.28 -23.64 -2.78
CA SER A 45 -9.08 -24.81 -3.08
C SER A 45 -8.84 -25.89 -2.02
N LEU A 46 -7.62 -25.96 -1.51
CA LEU A 46 -7.28 -26.87 -0.42
C LEU A 46 -8.05 -26.49 0.86
N ALA A 47 -8.02 -25.21 1.17
CA ALA A 47 -8.81 -24.70 2.27
C ALA A 47 -10.27 -25.11 2.06
N GLN A 48 -10.76 -25.03 0.83
CA GLN A 48 -12.18 -25.31 0.57
C GLN A 48 -12.59 -26.69 1.05
N VAL A 49 -11.74 -27.68 0.81
CA VAL A 49 -12.01 -29.09 1.16
C VAL A 49 -12.26 -29.25 2.66
N GLY A 50 -11.66 -28.38 3.45
CA GLY A 50 -11.83 -28.42 4.89
C GLY A 50 -13.01 -27.62 5.38
N ALA A 51 -13.54 -26.78 4.50
CA ALA A 51 -14.71 -25.94 4.82
C ALA A 51 -16.05 -26.63 4.54
N LYS A 52 -17.10 -26.11 5.17
CA LYS A 52 -18.48 -26.57 4.96
C LYS A 52 -19.36 -25.33 4.73
N GLY A 53 -20.61 -25.57 4.32
CA GLY A 53 -21.63 -24.51 4.19
C GLY A 53 -21.20 -23.28 3.44
N ASP A 54 -21.56 -22.11 3.97
CA ASP A 54 -21.26 -20.82 3.33
C ASP A 54 -19.80 -20.53 3.16
N THR A 55 -18.98 -20.93 4.13
CA THR A 55 -17.53 -20.75 4.03
C THR A 55 -17.01 -21.44 2.77
N ALA A 56 -17.37 -22.71 2.61
CA ALA A 56 -17.00 -23.49 1.44
C ALA A 56 -17.59 -22.93 0.16
N ASN A 57 -18.84 -22.48 0.24
CA ASN A 57 -19.51 -21.96 -0.94
C ASN A 57 -18.87 -20.66 -1.41
N GLU A 58 -18.56 -19.77 -0.47
CA GLU A 58 -17.88 -18.52 -0.79
C GLU A 58 -16.58 -18.75 -1.55
N ILE A 59 -15.74 -19.67 -1.05
CA ILE A 59 -14.51 -20.03 -1.74
C ILE A 59 -14.82 -20.49 -3.17
N GLY A 60 -15.84 -21.35 -3.30
CA GLY A 60 -16.28 -21.84 -4.62
C GLY A 60 -16.65 -20.75 -5.61
N GLN A 61 -17.41 -19.76 -5.14
CA GLN A 61 -17.90 -18.68 -5.99
C GLN A 61 -16.83 -17.69 -6.37
N VAL A 62 -15.96 -17.37 -5.42
CA VAL A 62 -14.89 -16.39 -5.65
C VAL A 62 -13.85 -16.95 -6.61
N LEU A 63 -13.50 -18.22 -6.43
CA LEU A 63 -12.53 -18.89 -7.30
C LEU A 63 -13.13 -19.37 -8.62
N HIS A 64 -14.46 -19.24 -8.77
CA HIS A 64 -15.18 -19.57 -10.00
C HIS A 64 -15.26 -21.09 -10.32
N PHE A 65 -15.19 -21.91 -9.28
CA PHE A 65 -15.27 -23.37 -9.43
C PHE A 65 -16.70 -23.86 -9.71
N GLU A 66 -17.64 -22.95 -9.85
CA GLU A 66 -19.04 -23.28 -10.06
C GLU A 66 -19.25 -24.53 -10.94
N ASN A 67 -18.80 -24.45 -12.20
CA ASN A 67 -19.07 -25.54 -13.16
C ASN A 67 -17.87 -26.46 -13.51
N VAL A 68 -16.81 -26.38 -12.70
CA VAL A 68 -15.74 -27.36 -12.74
C VAL A 68 -16.18 -28.61 -11.98
N LYS A 69 -16.05 -29.78 -12.58
CA LYS A 69 -16.27 -31.05 -11.85
C LYS A 69 -15.10 -31.31 -10.89
N ASP A 70 -14.44 -32.47 -10.96
CA ASP A 70 -13.38 -32.78 -9.98
C ASP A 70 -12.29 -31.70 -9.91
N VAL A 71 -12.47 -30.77 -8.98
CA VAL A 71 -11.52 -29.68 -8.75
C VAL A 71 -10.16 -30.22 -8.28
N PRO A 72 -10.13 -31.01 -7.16
CA PRO A 72 -8.89 -31.61 -6.64
C PRO A 72 -8.01 -32.30 -7.68
N PHE A 73 -8.60 -33.16 -8.52
CA PHE A 73 -7.84 -33.86 -9.56
C PHE A 73 -7.30 -32.88 -10.61
N GLY A 74 -8.04 -31.80 -10.84
CA GLY A 74 -7.63 -30.76 -11.79
C GLY A 74 -6.33 -30.14 -11.34
N PHE A 75 -6.29 -29.75 -10.08
CA PHE A 75 -5.09 -29.18 -9.46
C PHE A 75 -3.98 -30.22 -9.27
N GLN A 76 -4.38 -31.45 -8.96
CA GLN A 76 -3.43 -32.54 -8.92
C GLN A 76 -2.65 -32.63 -10.23
N THR A 77 -3.36 -32.41 -11.34
CA THR A 77 -2.76 -32.42 -12.65
C THR A 77 -1.86 -31.19 -12.89
N VAL A 78 -2.39 -29.99 -12.68
CA VAL A 78 -1.62 -28.76 -12.90
C VAL A 78 -0.36 -28.67 -12.04
N THR A 79 -0.46 -29.09 -10.77
CA THR A 79 0.70 -29.08 -9.86
C THR A 79 1.81 -30.00 -10.37
N SER A 80 1.44 -31.23 -10.72
CA SER A 80 2.41 -32.20 -11.25
C SER A 80 3.12 -31.71 -12.50
N ASP A 81 2.35 -31.15 -13.42
CA ASP A 81 2.91 -30.54 -14.61
C ASP A 81 3.94 -29.49 -14.22
N VAL A 82 3.54 -28.61 -13.31
CA VAL A 82 4.42 -27.54 -12.88
C VAL A 82 5.66 -28.07 -12.16
N ASN A 83 5.48 -29.05 -11.28
CA ASN A 83 6.61 -29.57 -10.52
C ASN A 83 7.65 -30.24 -11.41
N LYS A 84 7.16 -30.90 -12.47
CA LYS A 84 8.02 -31.50 -13.49
C LYS A 84 8.82 -30.41 -14.17
N LEU A 85 8.10 -29.47 -14.74
CA LEU A 85 8.66 -28.29 -15.39
C LEU A 85 9.74 -27.62 -14.54
N SER A 86 9.71 -27.86 -13.23
CA SER A 86 10.66 -27.24 -12.33
C SER A 86 12.04 -27.90 -12.37
N SER A 87 12.16 -28.97 -13.16
CA SER A 87 13.44 -29.63 -13.39
C SER A 87 14.15 -29.10 -14.65
N PHE A 88 13.45 -28.33 -15.48
CA PHE A 88 14.04 -27.72 -16.66
C PHE A 88 14.30 -26.24 -16.43
N TYR A 89 13.32 -25.57 -15.81
CA TYR A 89 13.38 -24.12 -15.67
C TYR A 89 13.88 -23.73 -14.29
N SER A 90 14.29 -22.47 -14.14
CA SER A 90 14.49 -21.91 -12.81
C SER A 90 13.12 -21.44 -12.34
N LEU A 91 12.29 -22.41 -11.96
CA LEU A 91 10.91 -22.15 -11.60
C LEU A 91 10.51 -22.85 -10.32
N LYS A 92 9.94 -22.10 -9.39
CA LYS A 92 9.41 -22.69 -8.17
C LYS A 92 8.05 -22.07 -7.85
N LEU A 93 7.07 -22.94 -7.66
CA LEU A 93 5.77 -22.52 -7.21
C LEU A 93 5.47 -23.25 -5.91
N ILE A 94 5.95 -22.72 -4.81
CA ILE A 94 5.82 -23.35 -3.51
C ILE A 94 4.55 -22.91 -2.81
N LYS A 95 3.68 -23.86 -2.47
CA LYS A 95 2.44 -23.52 -1.78
C LYS A 95 2.30 -24.33 -0.49
N ARG A 96 2.36 -23.65 0.66
CA ARG A 96 2.17 -24.35 1.93
C ARG A 96 0.95 -23.86 2.69
N LEU A 97 0.24 -24.78 3.31
CA LEU A 97 -0.82 -24.41 4.22
C LEU A 97 -0.46 -24.97 5.57
N TYR A 98 -0.22 -24.07 6.49
CA TYR A 98 0.23 -24.46 7.80
C TYR A 98 -0.93 -24.37 8.79
N VAL A 99 -1.29 -25.52 9.36
CA VAL A 99 -2.26 -25.54 10.46
C VAL A 99 -1.57 -25.76 11.81
N ASP A 100 -2.14 -25.18 12.86
CA ASP A 100 -1.65 -25.40 14.22
C ASP A 100 -2.02 -26.79 14.72
N LYS A 101 -1.11 -27.37 15.53
CA LYS A 101 -1.30 -28.72 16.07
C LYS A 101 -2.56 -28.82 16.93
N SER A 102 -2.83 -27.77 17.68
CA SER A 102 -4.00 -27.71 18.55
C SER A 102 -5.34 -27.89 17.81
N LEU A 103 -5.32 -27.91 16.48
CA LEU A 103 -6.54 -28.27 15.73
C LEU A 103 -6.48 -29.64 15.04
N ASN A 104 -6.31 -30.68 15.85
CA ASN A 104 -6.36 -32.08 15.38
C ASN A 104 -7.22 -32.25 14.11
N LEU A 105 -6.54 -32.41 12.98
CA LEU A 105 -7.20 -32.56 11.69
C LEU A 105 -7.85 -33.92 11.56
N SER A 106 -8.96 -33.96 10.85
CA SER A 106 -9.65 -35.21 10.59
C SER A 106 -8.89 -36.08 9.58
N THR A 107 -8.98 -37.39 9.77
CA THR A 107 -8.37 -38.37 8.87
C THR A 107 -8.94 -38.19 7.46
N GLU A 108 -10.27 -38.08 7.38
CA GLU A 108 -10.98 -37.93 6.10
C GLU A 108 -10.43 -36.77 5.28
N PHE A 109 -10.10 -35.67 5.97
CA PHE A 109 -9.49 -34.52 5.32
C PHE A 109 -8.08 -34.82 4.81
N ILE A 110 -7.27 -35.45 5.66
CA ILE A 110 -5.90 -35.82 5.30
C ILE A 110 -5.85 -36.80 4.13
N SER A 111 -6.70 -37.83 4.16
CA SER A 111 -6.71 -38.79 3.05
C SER A 111 -7.29 -38.17 1.77
N SER A 112 -8.28 -37.30 1.94
CA SER A 112 -8.89 -36.56 0.84
C SER A 112 -7.89 -35.63 0.15
N THR A 113 -6.74 -35.42 0.78
CA THR A 113 -5.79 -34.38 0.40
C THR A 113 -4.40 -34.86 -0.04
N LYS A 114 -3.99 -36.05 0.44
CA LYS A 114 -2.62 -36.54 0.23
C LYS A 114 -2.16 -36.28 -1.18
N ARG A 115 -2.89 -36.85 -2.13
CA ARG A 115 -2.46 -36.86 -3.52
C ARG A 115 -2.65 -35.52 -4.25
N PRO A 116 -3.87 -34.94 -4.22
CA PRO A 116 -4.07 -33.68 -4.94
C PRO A 116 -3.22 -32.50 -4.44
N TYR A 117 -2.90 -32.49 -3.14
CA TYR A 117 -2.13 -31.39 -2.54
C TYR A 117 -1.00 -31.96 -1.71
N ALA A 118 -0.25 -32.88 -2.34
CA ALA A 118 0.89 -33.52 -1.73
C ALA A 118 1.86 -32.48 -1.19
N LYS A 119 2.29 -32.68 0.06
CA LYS A 119 3.29 -31.84 0.71
C LYS A 119 2.88 -30.37 0.94
N GLU A 120 1.73 -29.98 0.39
CA GLU A 120 1.24 -28.60 0.46
C GLU A 120 0.60 -28.25 1.80
N LEU A 121 0.31 -29.28 2.59
CA LEU A 121 -0.26 -29.10 3.91
C LEU A 121 0.66 -29.72 4.95
N GLU A 122 0.90 -29.02 6.05
CA GLU A 122 1.66 -29.59 7.17
C GLU A 122 1.31 -28.88 8.45
N THR A 123 1.33 -29.63 9.56
CA THR A 123 0.90 -29.06 10.84
C THR A 123 2.08 -28.59 11.67
N VAL A 124 1.87 -27.48 12.37
CA VAL A 124 2.95 -26.77 13.03
C VAL A 124 2.47 -26.31 14.41
N ASP A 125 3.40 -25.99 15.31
CA ASP A 125 3.04 -25.48 16.63
C ASP A 125 3.20 -23.94 16.74
N PHE A 126 2.21 -23.20 16.24
CA PHE A 126 2.23 -21.73 16.32
C PHE A 126 1.99 -21.31 17.76
N LYS A 127 1.07 -22.00 18.44
CA LYS A 127 0.58 -21.60 19.75
C LYS A 127 1.72 -21.47 20.76
N ASP A 128 2.42 -22.57 20.99
CA ASP A 128 3.42 -22.63 22.07
C ASP A 128 4.83 -22.26 21.62
N LYS A 129 5.38 -22.98 20.63
CA LYS A 129 6.72 -22.66 20.12
C LYS A 129 6.66 -21.86 18.82
N LEU A 130 6.14 -20.65 18.94
CA LEU A 130 5.95 -19.71 17.82
C LEU A 130 7.26 -19.27 17.16
N GLU A 131 8.23 -18.86 17.97
CA GLU A 131 9.49 -18.36 17.44
C GLU A 131 10.31 -19.46 16.75
N GLU A 132 10.28 -20.67 17.31
CA GLU A 132 10.90 -21.82 16.67
C GLU A 132 10.18 -22.12 15.33
N THR A 133 8.86 -22.24 15.41
CA THR A 133 8.03 -22.40 14.23
C THR A 133 8.44 -21.40 13.14
N LYS A 134 8.35 -20.11 13.45
CA LYS A 134 8.67 -19.03 12.50
C LYS A 134 10.06 -19.20 11.89
N GLY A 135 11.02 -19.63 12.72
CA GLY A 135 12.37 -19.89 12.25
C GLY A 135 12.39 -21.06 11.30
N GLN A 136 11.65 -22.11 11.65
CA GLN A 136 11.59 -23.32 10.82
C GLN A 136 10.92 -23.04 9.48
N ILE A 137 9.77 -22.35 9.52
CA ILE A 137 8.99 -22.01 8.32
C ILE A 137 9.82 -21.16 7.35
N ASN A 138 10.41 -20.09 7.84
CA ASN A 138 11.36 -19.31 7.05
C ASN A 138 12.46 -20.12 6.35
N ASN A 139 13.16 -20.96 7.10
CA ASN A 139 14.25 -21.78 6.54
C ASN A 139 13.76 -22.82 5.57
N SER A 140 12.63 -23.43 5.88
CA SER A 140 12.00 -24.40 5.00
C SER A 140 11.68 -23.75 3.65
N ILE A 141 11.10 -22.56 3.68
CA ILE A 141 10.76 -21.81 2.46
C ILE A 141 12.00 -21.24 1.75
N LYS A 142 12.99 -20.81 2.52
CA LYS A 142 14.28 -20.41 1.98
C LYS A 142 14.86 -21.56 1.15
N ASP A 143 14.84 -22.77 1.70
CA ASP A 143 15.36 -23.95 1.01
C ASP A 143 14.44 -24.39 -0.15
N LEU A 144 13.16 -24.55 0.14
CA LEU A 144 12.16 -24.89 -0.87
C LEU A 144 12.24 -24.01 -2.12
N THR A 145 12.88 -22.86 -1.96
CA THR A 145 12.84 -21.83 -2.97
C THR A 145 14.24 -21.50 -3.48
N ASP A 146 15.18 -22.38 -3.10
CA ASP A 146 16.55 -22.33 -3.59
C ASP A 146 17.24 -21.02 -3.21
N GLY A 147 16.95 -20.54 -2.01
CA GLY A 147 17.68 -19.42 -1.46
C GLY A 147 17.14 -18.02 -1.73
N HIS A 148 16.16 -17.87 -2.62
CA HIS A 148 15.66 -16.54 -2.98
C HIS A 148 14.82 -15.87 -1.90
N PHE A 149 13.95 -16.66 -1.25
CA PHE A 149 13.07 -16.14 -0.21
C PHE A 149 13.60 -16.41 1.20
N GLU A 150 14.49 -15.49 1.57
CA GLU A 150 15.23 -15.44 2.82
C GLU A 150 14.39 -15.61 4.10
N ASN A 151 13.37 -14.77 4.24
CA ASN A 151 12.59 -14.65 5.46
C ASN A 151 11.19 -14.27 5.09
N ILE A 152 10.46 -15.25 4.58
CA ILE A 152 9.16 -15.06 3.99
C ILE A 152 8.10 -14.45 4.94
N LEU A 153 8.27 -14.62 6.25
CA LEU A 153 7.22 -14.26 7.23
C LEU A 153 7.40 -12.87 7.84
N ALA A 154 8.47 -12.19 7.45
CA ALA A 154 9.04 -11.14 8.30
C ALA A 154 8.49 -9.73 8.12
N ASP A 155 7.17 -9.55 8.26
CA ASP A 155 6.46 -8.25 8.16
C ASP A 155 4.97 -8.55 7.96
N ASN A 156 4.55 -9.69 8.48
CA ASN A 156 3.23 -10.24 8.21
C ASN A 156 2.56 -10.62 9.50
N SER A 157 3.21 -10.20 10.59
CA SER A 157 2.79 -10.54 11.94
C SER A 157 2.02 -11.85 12.02
N VAL A 158 2.77 -12.94 11.99
CA VAL A 158 2.27 -14.27 12.32
C VAL A 158 2.46 -14.40 13.81
N ASN A 159 1.34 -14.52 14.52
CA ASN A 159 1.34 -14.57 15.98
C ASN A 159 1.06 -15.97 16.47
N ASP A 160 1.08 -16.15 17.78
CA ASP A 160 0.80 -17.45 18.39
C ASP A 160 -0.70 -17.76 18.44
N GLN A 161 -1.53 -16.87 17.90
CA GLN A 161 -2.95 -17.16 17.79
C GLN A 161 -3.27 -17.70 16.40
N THR A 162 -2.26 -17.73 15.53
CA THR A 162 -2.41 -18.24 14.16
C THR A 162 -3.00 -19.63 14.18
N LYS A 163 -4.06 -19.82 13.39
CA LYS A 163 -4.71 -21.13 13.29
C LYS A 163 -4.39 -21.80 11.95
N ILE A 164 -4.63 -21.08 10.85
CA ILE A 164 -4.28 -21.55 9.51
C ILE A 164 -3.49 -20.47 8.80
N LEU A 165 -2.30 -20.81 8.31
CA LEU A 165 -1.46 -19.86 7.57
C LEU A 165 -1.19 -20.35 6.16
N VAL A 166 -1.44 -19.50 5.18
CA VAL A 166 -1.16 -19.82 3.79
C VAL A 166 0.03 -19.01 3.35
N VAL A 167 1.09 -19.69 2.93
CA VAL A 167 2.18 -19.02 2.25
C VAL A 167 2.33 -19.51 0.81
N ASN A 168 2.44 -18.56 -0.11
CA ASN A 168 2.77 -18.82 -1.51
C ASN A 168 4.08 -18.14 -1.85
N ALA A 169 5.10 -18.94 -2.20
CA ALA A 169 6.37 -18.41 -2.65
C ALA A 169 6.65 -18.88 -4.08
N ALA A 170 6.84 -17.94 -4.99
CA ALA A 170 7.02 -18.26 -6.40
C ALA A 170 8.11 -17.42 -7.03
N TYR A 171 8.87 -18.02 -7.96
CA TYR A 171 9.87 -17.26 -8.71
C TYR A 171 10.12 -17.90 -10.05
N PHE A 172 10.65 -17.11 -10.98
CA PHE A 172 10.96 -17.55 -12.32
C PHE A 172 12.06 -16.69 -12.93
N VAL A 173 13.14 -17.33 -13.36
CA VAL A 173 14.21 -16.66 -14.08
C VAL A 173 14.12 -17.13 -15.53
N GLY A 174 13.35 -16.38 -16.32
CA GLY A 174 13.01 -16.79 -17.68
C GLY A 174 14.18 -17.19 -18.54
N LYS A 175 14.00 -18.29 -19.26
CA LYS A 175 14.88 -18.63 -20.35
C LYS A 175 14.07 -18.73 -21.65
N TRP A 176 14.27 -17.77 -22.55
CA TRP A 176 13.52 -17.70 -23.82
C TRP A 176 13.83 -18.86 -24.77
N MET A 177 12.86 -19.17 -25.62
CA MET A 177 13.11 -20.07 -26.74
C MET A 177 14.04 -19.39 -27.76
N LYS A 178 13.83 -18.10 -27.95
CA LYS A 178 14.72 -17.28 -28.80
C LYS A 178 15.39 -16.20 -27.95
N LYS A 179 16.68 -16.35 -27.74
CA LYS A 179 17.46 -15.39 -26.94
C LYS A 179 17.52 -14.02 -27.61
N PHE A 180 17.69 -12.99 -26.77
CA PHE A 180 18.04 -11.67 -27.26
C PHE A 180 19.57 -11.55 -27.27
N PRO A 181 20.14 -11.10 -28.41
CA PRO A 181 21.60 -10.93 -28.50
C PRO A 181 22.05 -9.85 -27.52
N GLU A 182 22.93 -10.23 -26.58
CA GLU A 182 23.38 -9.32 -25.51
C GLU A 182 23.86 -7.95 -26.01
N SER A 183 24.57 -7.96 -27.13
CA SER A 183 25.16 -6.76 -27.70
C SER A 183 24.15 -5.71 -28.18
N GLU A 184 22.91 -6.13 -28.35
CA GLU A 184 21.87 -5.25 -28.88
C GLU A 184 21.00 -4.64 -27.78
N THR A 185 21.21 -5.10 -26.55
CA THR A 185 20.58 -4.51 -25.38
C THR A 185 21.25 -3.16 -25.19
N LYS A 186 20.46 -2.09 -25.04
CA LYS A 186 20.99 -0.76 -24.74
C LYS A 186 20.03 0.11 -23.93
N GLU A 187 20.56 1.11 -23.24
CA GLU A 187 19.78 1.95 -22.36
C GLU A 187 18.87 2.91 -23.13
N CYS A 188 17.57 2.92 -22.79
CA CYS A 188 16.58 3.68 -23.52
C CYS A 188 15.53 4.27 -22.60
N PRO A 189 14.88 5.39 -23.01
CA PRO A 189 13.81 5.95 -22.18
C PRO A 189 12.55 5.08 -22.18
N PHE A 190 12.07 4.71 -21.00
CA PHE A 190 10.75 4.09 -20.87
C PHE A 190 9.72 5.19 -20.66
N ARG A 191 8.73 5.25 -21.54
CA ARG A 191 7.68 6.24 -21.40
C ARG A 191 6.68 5.81 -20.32
N LEU A 192 6.69 6.53 -19.19
CA LEU A 192 5.76 6.27 -18.09
C LEU A 192 4.35 6.73 -18.44
N ASN A 193 4.29 7.76 -19.29
CA ASN A 193 3.04 8.37 -19.74
C ASN A 193 3.36 9.34 -20.86
N LYS A 194 2.40 10.21 -21.17
CA LYS A 194 2.48 11.08 -22.33
C LYS A 194 3.63 12.08 -22.24
N THR A 195 4.14 12.30 -21.05
CA THR A 195 5.13 13.36 -20.83
C THR A 195 6.41 12.87 -20.17
N ASP A 196 6.28 11.90 -19.27
CA ASP A 196 7.37 11.48 -18.39
C ASP A 196 8.16 10.26 -18.85
N THR A 197 9.40 10.17 -18.36
CA THR A 197 10.34 9.18 -18.86
C THR A 197 11.34 8.70 -17.80
N LYS A 198 11.82 7.47 -17.96
CA LYS A 198 12.75 6.85 -17.00
C LYS A 198 13.59 5.77 -17.71
N PRO A 199 14.88 5.64 -17.35
CA PRO A 199 15.75 4.76 -18.13
C PRO A 199 15.52 3.25 -17.92
N VAL A 200 15.59 2.51 -19.02
CA VAL A 200 15.49 1.05 -19.03
C VAL A 200 16.56 0.43 -19.92
N GLN A 201 16.86 -0.82 -19.62
CA GLN A 201 17.69 -1.63 -20.47
C GLN A 201 16.76 -2.32 -21.44
N MET A 202 16.67 -1.79 -22.64
CA MET A 202 15.80 -2.36 -23.67
C MET A 202 16.51 -3.50 -24.43
N MET A 203 15.90 -4.69 -24.43
CA MET A 203 16.46 -5.81 -25.18
C MET A 203 15.86 -5.75 -26.56
N ASN A 204 16.65 -6.17 -27.55
CA ASN A 204 16.29 -5.97 -28.95
C ASN A 204 16.68 -7.13 -29.85
N MET A 205 15.70 -7.62 -30.61
CA MET A 205 15.96 -8.59 -31.66
C MET A 205 14.95 -8.46 -32.79
N GLU A 206 15.16 -9.24 -33.86
CA GLU A 206 14.18 -9.36 -34.91
C GLU A 206 14.04 -10.84 -35.19
N ALA A 207 12.87 -11.38 -34.85
CA ALA A 207 12.57 -12.79 -35.06
C ALA A 207 11.10 -13.00 -35.30
N THR A 208 10.75 -14.27 -35.51
CA THR A 208 9.43 -14.67 -35.87
C THR A 208 8.65 -14.99 -34.57
N PHE A 209 7.48 -14.37 -34.40
CA PHE A 209 6.62 -14.63 -33.23
C PHE A 209 5.15 -14.63 -33.62
N CYS A 210 4.36 -15.49 -33.00
CA CYS A 210 2.91 -15.39 -33.11
C CYS A 210 2.47 -14.06 -32.49
N MET A 211 1.85 -13.22 -33.30
CA MET A 211 1.50 -11.85 -32.90
C MET A 211 0.13 -11.44 -33.45
N GLY A 212 -0.57 -10.58 -32.71
CA GLY A 212 -1.86 -10.04 -33.17
C GLY A 212 -2.05 -8.59 -32.75
N ASN A 213 -2.90 -7.87 -33.48
CA ASN A 213 -3.33 -6.57 -32.99
C ASN A 213 -4.78 -6.22 -33.20
N ILE A 214 -5.48 -6.04 -32.08
CA ILE A 214 -6.89 -5.71 -32.05
C ILE A 214 -7.10 -4.21 -32.32
N ASP A 215 -7.80 -3.89 -33.41
CA ASP A 215 -8.11 -2.51 -33.77
C ASP A 215 -8.92 -1.75 -32.69
N SER A 216 -9.93 -2.41 -32.15
CA SER A 216 -10.87 -1.82 -31.20
C SER A 216 -10.23 -1.47 -29.86
N ILE A 217 -9.51 -2.42 -29.25
CA ILE A 217 -8.80 -2.20 -28.00
C ILE A 217 -7.56 -1.34 -28.27
N ASN A 218 -7.12 -1.32 -29.53
CA ASN A 218 -5.92 -0.58 -29.93
C ASN A 218 -4.67 -1.17 -29.27
N CYS A 219 -4.66 -2.50 -29.12
CA CYS A 219 -3.63 -3.24 -28.40
C CYS A 219 -2.85 -4.12 -29.36
N LYS A 220 -1.54 -4.23 -29.10
CA LYS A 220 -0.69 -5.19 -29.78
C LYS A 220 -0.43 -6.32 -28.80
N ILE A 221 -0.62 -7.55 -29.26
CA ILE A 221 -0.40 -8.74 -28.42
C ILE A 221 0.65 -9.62 -29.06
N ILE A 222 1.64 -10.03 -28.27
CA ILE A 222 2.69 -10.89 -28.77
C ILE A 222 2.84 -12.08 -27.83
N GLU A 223 3.22 -13.22 -28.39
CA GLU A 223 3.56 -14.40 -27.61
C GLU A 223 5.06 -14.57 -27.67
N LEU A 224 5.69 -14.57 -26.50
CA LEU A 224 7.12 -14.80 -26.43
C LEU A 224 7.32 -16.07 -25.66
N PRO A 225 7.49 -17.21 -26.38
CA PRO A 225 7.71 -18.52 -25.75
C PRO A 225 9.03 -18.61 -25.02
N PHE A 226 9.00 -19.25 -23.85
CA PHE A 226 10.20 -19.63 -23.15
C PHE A 226 10.66 -20.99 -23.70
N GLN A 227 11.87 -21.40 -23.30
CA GLN A 227 12.53 -22.58 -23.87
C GLN A 227 11.64 -23.82 -23.94
N ASN A 228 11.56 -24.42 -25.13
CA ASN A 228 10.72 -25.61 -25.41
C ASN A 228 9.20 -25.43 -25.33
N LYS A 229 8.75 -24.18 -25.29
CA LYS A 229 7.32 -23.83 -25.33
C LYS A 229 6.48 -24.33 -24.14
N HIS A 230 7.12 -24.63 -23.01
CA HIS A 230 6.39 -25.02 -21.80
C HIS A 230 5.63 -23.85 -21.21
N LEU A 231 6.25 -22.67 -21.24
CA LEU A 231 5.64 -21.43 -20.77
C LEU A 231 5.79 -20.35 -21.84
N SER A 232 4.79 -19.48 -21.93
CA SER A 232 4.79 -18.37 -22.88
C SER A 232 4.46 -17.10 -22.12
N MET A 233 5.20 -16.03 -22.41
CA MET A 233 4.75 -14.70 -22.00
C MET A 233 3.83 -14.07 -23.07
N PHE A 234 2.72 -13.50 -22.61
CA PHE A 234 1.84 -12.69 -23.45
C PHE A 234 1.90 -11.25 -23.03
N ILE A 235 2.36 -10.41 -23.94
CA ILE A 235 2.47 -8.99 -23.66
C ILE A 235 1.35 -8.24 -24.38
N LEU A 236 0.65 -7.41 -23.62
CA LEU A 236 -0.45 -6.59 -24.14
C LEU A 236 -0.05 -5.12 -24.11
N LEU A 237 0.38 -4.63 -25.26
CA LEU A 237 0.97 -3.31 -25.38
C LEU A 237 -0.01 -2.40 -26.10
N PRO A 238 -0.45 -1.31 -25.43
CA PRO A 238 -1.24 -0.31 -26.14
C PRO A 238 -0.40 0.34 -27.23
N LYS A 239 -1.04 0.64 -28.36
CA LYS A 239 -0.34 1.18 -29.53
C LYS A 239 0.15 2.59 -29.27
N ASP A 240 -0.61 3.34 -28.47
CA ASP A 240 -0.29 4.72 -28.16
C ASP A 240 0.00 4.92 -26.69
N VAL A 241 0.82 5.94 -26.38
CA VAL A 241 1.14 6.26 -25.00
C VAL A 241 -0.02 7.01 -24.36
N GLU A 242 -0.30 6.68 -23.10
CA GLU A 242 -1.47 7.21 -22.40
C GLU A 242 -1.16 7.54 -20.95
N ASP A 243 -1.89 8.51 -20.40
CA ASP A 243 -1.83 8.84 -18.98
C ASP A 243 -2.25 7.64 -18.14
N GLU A 244 -1.82 7.60 -16.88
CA GLU A 244 -2.12 6.48 -16.00
C GLU A 244 -3.62 6.30 -15.78
N SER A 245 -4.28 7.38 -15.33
CA SER A 245 -5.71 7.36 -15.13
C SER A 245 -6.46 6.76 -16.34
N THR A 246 -6.08 7.14 -17.57
CA THR A 246 -6.72 6.59 -18.77
C THR A 246 -6.49 5.07 -18.84
N GLY A 247 -5.23 4.65 -18.81
CA GLY A 247 -4.86 3.25 -18.90
C GLY A 247 -5.40 2.41 -17.75
N LEU A 248 -5.49 3.03 -16.58
CA LEU A 248 -6.13 2.41 -15.41
C LEU A 248 -7.65 2.26 -15.58
N GLU A 249 -8.28 3.22 -16.27
CA GLU A 249 -9.70 3.17 -16.61
C GLU A 249 -9.98 2.05 -17.57
N LYS A 250 -9.04 1.83 -18.50
CA LYS A 250 -9.17 0.77 -19.51
C LYS A 250 -9.13 -0.60 -18.84
N ILE A 251 -8.23 -0.75 -17.88
CA ILE A 251 -8.15 -1.97 -17.08
C ILE A 251 -9.45 -2.24 -16.33
N GLU A 252 -10.13 -1.18 -15.93
CA GLU A 252 -11.44 -1.32 -15.28
C GLU A 252 -12.58 -1.70 -16.24
N LYS A 253 -12.53 -1.23 -17.48
CA LYS A 253 -13.67 -1.39 -18.40
C LYS A 253 -13.41 -2.42 -19.49
N GLN A 254 -12.22 -2.39 -20.08
CA GLN A 254 -11.86 -3.30 -21.18
C GLN A 254 -11.64 -4.73 -20.72
N LEU A 255 -10.71 -4.88 -19.77
CA LEU A 255 -10.26 -6.19 -19.31
C LEU A 255 -11.33 -6.97 -18.56
N ASN A 256 -11.50 -8.24 -18.95
CA ASN A 256 -12.31 -9.22 -18.22
C ASN A 256 -11.92 -10.61 -18.65
N SER A 257 -12.37 -11.62 -17.92
CA SER A 257 -11.95 -13.00 -18.14
C SER A 257 -12.05 -13.42 -19.61
N GLU A 258 -13.24 -13.24 -20.19
CA GLU A 258 -13.50 -13.62 -21.58
C GLU A 258 -12.55 -12.93 -22.57
N SER A 259 -12.34 -11.63 -22.35
CA SER A 259 -11.52 -10.77 -23.22
C SER A 259 -10.07 -11.14 -23.18
N LEU A 260 -9.56 -11.41 -21.97
CA LEU A 260 -8.16 -11.78 -21.80
C LEU A 260 -7.89 -13.08 -22.57
N SER A 261 -8.81 -14.03 -22.43
CA SER A 261 -8.73 -15.30 -23.15
C SER A 261 -8.69 -15.10 -24.66
N GLN A 262 -9.55 -14.21 -25.17
CA GLN A 262 -9.70 -14.01 -26.61
C GLN A 262 -8.50 -13.29 -27.25
N TRP A 263 -8.00 -12.25 -26.61
CA TRP A 263 -6.93 -11.44 -27.19
C TRP A 263 -5.60 -12.16 -27.06
N THR A 264 -5.60 -13.21 -26.25
CA THR A 264 -4.37 -13.87 -25.88
C THR A 264 -4.27 -15.26 -26.50
N ASN A 265 -5.34 -15.65 -27.20
CA ASN A 265 -5.39 -16.95 -27.87
C ASN A 265 -4.56 -16.86 -29.14
N PRO A 266 -3.49 -17.68 -29.21
CA PRO A 266 -2.58 -17.63 -30.36
C PRO A 266 -3.23 -17.96 -31.69
N SER A 267 -4.45 -18.50 -31.67
CA SER A 267 -5.18 -18.71 -32.92
C SER A 267 -5.86 -17.44 -33.43
N THR A 268 -5.99 -16.46 -32.56
CA THR A 268 -6.38 -15.10 -32.95
C THR A 268 -5.24 -14.39 -33.67
N MET A 269 -4.03 -14.95 -33.49
CA MET A 269 -2.78 -14.32 -33.90
C MET A 269 -2.23 -14.87 -35.21
N ALA A 270 -1.33 -14.12 -35.84
CA ALA A 270 -0.66 -14.56 -37.05
C ALA A 270 0.85 -14.56 -36.84
N ASN A 271 1.55 -15.29 -37.69
CA ASN A 271 2.99 -15.37 -37.57
C ASN A 271 3.63 -14.17 -38.24
N ALA A 272 4.52 -13.53 -37.51
CA ALA A 272 5.13 -12.30 -37.99
C ALA A 272 6.61 -12.21 -37.64
N LYS A 273 7.39 -11.68 -38.59
CA LYS A 273 8.75 -11.24 -38.31
C LYS A 273 8.71 -9.91 -37.57
N VAL A 274 8.93 -9.93 -36.25
CA VAL A 274 8.85 -8.70 -35.46
C VAL A 274 10.18 -8.12 -35.04
N LYS A 275 10.28 -6.79 -35.19
CA LYS A 275 11.36 -6.00 -34.60
C LYS A 275 11.02 -5.78 -33.12
N LEU A 276 11.55 -6.67 -32.28
CA LEU A 276 11.13 -6.75 -30.89
C LEU A 276 12.02 -5.95 -29.97
N SER A 277 11.38 -5.19 -29.08
CA SER A 277 12.07 -4.46 -28.05
C SER A 277 11.30 -4.67 -26.76
N ILE A 278 11.98 -5.24 -25.77
CA ILE A 278 11.37 -5.64 -24.51
C ILE A 278 12.31 -5.15 -23.43
N PRO A 279 11.76 -4.55 -22.36
CA PRO A 279 12.61 -4.12 -21.25
C PRO A 279 13.16 -5.30 -20.48
N LYS A 280 14.44 -5.21 -20.12
CA LYS A 280 15.08 -6.19 -19.24
C LYS A 280 14.62 -5.85 -17.83
N PHE A 281 13.89 -6.74 -17.17
CA PHE A 281 13.38 -6.39 -15.85
C PHE A 281 13.32 -7.50 -14.80
N LYS A 282 13.50 -7.10 -13.54
CA LYS A 282 13.37 -7.99 -12.40
C LYS A 282 12.42 -7.40 -11.38
N VAL A 283 11.27 -8.04 -11.19
CA VAL A 283 10.25 -7.53 -10.29
C VAL A 283 9.99 -8.52 -9.15
N GLU A 284 9.99 -8.02 -7.92
CA GLU A 284 9.67 -8.84 -6.75
C GLU A 284 8.57 -8.15 -5.93
N LYS A 285 7.49 -8.87 -5.65
CA LYS A 285 6.37 -8.27 -4.97
C LYS A 285 5.77 -9.20 -3.92
N MET A 286 5.50 -8.63 -2.75
CA MET A 286 4.74 -9.35 -1.73
C MET A 286 3.40 -8.68 -1.48
N ILE A 287 2.34 -9.48 -1.38
CA ILE A 287 1.01 -8.95 -1.12
C ILE A 287 0.33 -9.62 0.09
N ASP A 288 -0.62 -8.93 0.70
CA ASP A 288 -1.51 -9.55 1.67
C ASP A 288 -2.89 -9.56 1.02
N PRO A 289 -3.24 -10.67 0.36
CA PRO A 289 -4.45 -10.76 -0.45
C PRO A 289 -5.76 -10.64 0.34
N LYS A 290 -5.69 -10.71 1.67
CA LYS A 290 -6.87 -10.76 2.53
C LYS A 290 -7.91 -9.69 2.20
N ALA A 291 -7.49 -8.43 2.18
CA ALA A 291 -8.38 -7.31 1.93
C ALA A 291 -9.04 -7.45 0.56
N CYS A 292 -8.21 -7.71 -0.45
CA CYS A 292 -8.67 -7.88 -1.83
C CYS A 292 -9.63 -9.05 -1.97
N LEU A 293 -9.30 -10.18 -1.36
CA LEU A 293 -10.16 -11.36 -1.38
C LEU A 293 -11.52 -11.09 -0.77
N GLU A 294 -11.53 -10.36 0.35
CA GLU A 294 -12.79 -9.94 0.98
C GLU A 294 -13.64 -9.09 0.04
N ASN A 295 -12.99 -8.24 -0.74
CA ASN A 295 -13.69 -7.45 -1.75
C ASN A 295 -14.35 -8.28 -2.84
N LEU A 296 -13.79 -9.46 -3.15
CA LEU A 296 -14.38 -10.36 -4.12
C LEU A 296 -15.52 -11.17 -3.53
N GLY A 297 -15.62 -11.18 -2.21
CA GLY A 297 -16.70 -11.88 -1.55
C GLY A 297 -16.30 -12.96 -0.57
N LEU A 298 -15.03 -12.95 -0.14
CA LEU A 298 -14.52 -13.90 0.86
C LEU A 298 -14.50 -13.36 2.28
N LYS A 299 -15.61 -13.49 3.01
CA LYS A 299 -15.62 -13.05 4.40
C LYS A 299 -15.37 -14.18 5.39
N HIS A 300 -16.29 -15.14 5.42
CA HIS A 300 -16.31 -16.20 6.42
C HIS A 300 -14.98 -16.86 6.69
N ILE A 301 -14.14 -17.01 5.65
CA ILE A 301 -12.83 -17.69 5.78
C ILE A 301 -11.92 -17.10 6.85
N PHE A 302 -11.97 -15.78 6.99
CA PHE A 302 -11.06 -15.05 7.86
C PHE A 302 -11.59 -14.84 9.28
N SER A 303 -12.90 -14.89 9.46
CA SER A 303 -13.47 -14.70 10.78
C SER A 303 -13.57 -16.02 11.54
N GLU A 304 -13.15 -16.02 12.81
CA GLU A 304 -13.19 -17.23 13.64
C GLU A 304 -14.59 -17.50 14.18
N ASP A 305 -15.42 -16.46 14.16
CA ASP A 305 -16.80 -16.57 14.61
C ASP A 305 -17.68 -17.27 13.58
N THR A 306 -17.62 -16.80 12.34
CA THR A 306 -18.59 -17.25 11.34
C THR A 306 -18.09 -18.36 10.43
N SER A 307 -16.79 -18.64 10.47
CA SER A 307 -16.20 -19.66 9.59
C SER A 307 -16.57 -21.06 10.02
N ASP A 308 -16.72 -21.94 9.02
CA ASP A 308 -17.00 -23.36 9.23
C ASP A 308 -15.91 -24.22 8.58
N PHE A 309 -15.07 -24.84 9.43
CA PHE A 309 -14.04 -25.76 8.98
C PHE A 309 -14.21 -27.18 9.57
N SER A 310 -15.46 -27.65 9.64
CA SER A 310 -15.77 -29.01 10.13
C SER A 310 -15.12 -30.09 9.29
N GLY A 311 -14.98 -29.82 7.99
CA GLY A 311 -14.34 -30.75 7.08
C GLY A 311 -12.91 -31.10 7.46
N MET A 312 -12.17 -30.13 7.99
CA MET A 312 -10.78 -30.37 8.38
C MET A 312 -10.52 -30.54 9.88
N SER A 313 -11.37 -29.94 10.72
CA SER A 313 -11.15 -29.90 12.16
C SER A 313 -12.45 -29.63 12.91
N GLU A 314 -12.49 -30.00 14.19
CA GLU A 314 -13.66 -29.69 15.00
C GLU A 314 -13.34 -28.77 16.18
N THR A 315 -12.13 -28.24 16.18
CA THR A 315 -11.75 -27.18 17.08
C THR A 315 -12.47 -25.91 16.63
N LYS A 316 -13.25 -25.33 17.54
CA LYS A 316 -13.91 -24.05 17.27
C LYS A 316 -12.89 -22.93 17.17
N GLY A 317 -13.26 -21.84 16.53
CA GLY A 317 -12.41 -20.67 16.45
C GLY A 317 -11.31 -20.82 15.40
N VAL A 318 -11.51 -21.76 14.48
CA VAL A 318 -10.56 -21.95 13.38
C VAL A 318 -10.91 -21.04 12.20
N ALA A 319 -9.92 -20.27 11.75
CA ALA A 319 -10.07 -19.46 10.54
C ALA A 319 -8.75 -19.31 9.80
N LEU A 320 -8.83 -18.88 8.55
CA LEU A 320 -7.65 -18.48 7.82
C LEU A 320 -7.12 -17.21 8.46
N SER A 321 -6.07 -17.35 9.25
CA SER A 321 -5.56 -16.26 10.06
C SER A 321 -4.73 -15.28 9.25
N ASN A 322 -4.03 -15.78 8.24
CA ASN A 322 -3.03 -14.99 7.54
C ASN A 322 -2.69 -15.57 6.18
N VAL A 323 -2.50 -14.70 5.19
CA VAL A 323 -2.10 -15.13 3.83
C VAL A 323 -0.91 -14.35 3.26
N ILE A 324 0.19 -15.04 3.03
CA ILE A 324 1.41 -14.42 2.53
C ILE A 324 1.65 -14.90 1.10
N HIS A 325 1.85 -13.93 0.20
CA HIS A 325 2.01 -14.23 -1.22
C HIS A 325 3.18 -13.39 -1.75
N LYS A 326 4.34 -14.01 -1.96
CA LYS A 326 5.52 -13.31 -2.51
C LYS A 326 5.98 -13.94 -3.82
N VAL A 327 6.13 -13.08 -4.83
CA VAL A 327 6.46 -13.50 -6.18
C VAL A 327 7.61 -12.67 -6.77
N CYS A 328 8.55 -13.35 -7.38
CA CYS A 328 9.66 -12.68 -8.04
C CYS A 328 9.89 -13.20 -9.45
N LEU A 329 9.79 -12.29 -10.43
CA LEU A 329 10.08 -12.63 -11.83
C LEU A 329 11.30 -11.89 -12.39
N GLU A 330 12.29 -12.65 -12.88
CA GLU A 330 13.45 -12.08 -13.55
C GLU A 330 13.46 -12.41 -15.05
N ILE A 331 13.53 -11.36 -15.87
CA ILE A 331 13.57 -11.51 -17.31
C ILE A 331 14.83 -10.90 -17.90
N THR A 332 15.60 -11.68 -18.65
CA THR A 332 16.81 -11.19 -19.29
C THR A 332 16.89 -11.63 -20.74
N GLU A 333 18.07 -11.54 -21.34
CA GLU A 333 18.30 -11.92 -22.72
C GLU A 333 18.41 -13.44 -22.85
N ASP A 334 18.77 -14.09 -21.76
CA ASP A 334 19.00 -15.53 -21.66
C ASP A 334 17.93 -16.40 -22.35
N GLY A 335 18.36 -17.18 -23.34
CA GLY A 335 17.48 -18.05 -24.13
C GLY A 335 18.25 -19.04 -25.01
N GLY A 336 17.53 -19.80 -25.84
CA GLY A 336 18.17 -20.72 -26.77
C GLY A 336 18.59 -20.00 -28.04
N ASP A 337 19.11 -20.72 -29.04
CA ASP A 337 19.49 -20.12 -30.33
C ASP A 337 18.46 -20.32 -31.45
N HIS A 349 3.93 -11.77 -42.81
CA HIS A 349 4.10 -10.32 -42.84
C HIS A 349 4.97 -9.80 -41.68
N LYS A 350 5.43 -8.56 -41.80
CA LYS A 350 6.27 -7.95 -40.77
C LYS A 350 5.46 -7.10 -39.81
N ASP A 351 5.95 -6.98 -38.58
CA ASP A 351 5.37 -6.04 -37.62
C ASP A 351 6.41 -5.57 -36.62
N GLU A 352 6.10 -4.52 -35.89
CA GLU A 352 6.97 -4.03 -34.82
C GLU A 352 6.27 -4.08 -33.47
N LEU A 353 7.03 -4.39 -32.43
CA LEU A 353 6.57 -4.39 -31.06
C LEU A 353 7.66 -3.82 -30.19
N ASN A 354 7.49 -2.56 -29.79
CA ASN A 354 8.44 -1.90 -28.91
C ASN A 354 7.79 -1.59 -27.55
N ALA A 355 8.02 -2.45 -26.56
CA ALA A 355 7.43 -2.27 -25.24
C ALA A 355 8.21 -1.23 -24.43
N ASP A 356 8.10 0.03 -24.86
CA ASP A 356 8.77 1.14 -24.18
C ASP A 356 7.77 1.99 -23.38
N HIS A 357 6.64 1.41 -23.02
CA HIS A 357 5.64 2.04 -22.17
C HIS A 357 4.82 0.96 -21.47
N PRO A 358 3.97 1.33 -20.49
CA PRO A 358 3.32 0.31 -19.67
C PRO A 358 2.55 -0.77 -20.45
N PHE A 359 2.75 -2.03 -20.05
CA PHE A 359 2.05 -3.19 -20.62
C PHE A 359 1.61 -4.19 -19.56
N ILE A 360 0.44 -4.79 -19.75
CA ILE A 360 0.04 -5.93 -18.94
C ILE A 360 0.69 -7.18 -19.54
N TYR A 361 1.17 -8.06 -18.67
CA TYR A 361 1.70 -9.34 -19.12
C TYR A 361 1.16 -10.50 -18.31
N ILE A 362 0.95 -11.63 -18.98
CA ILE A 362 0.69 -12.89 -18.29
C ILE A 362 1.70 -13.92 -18.78
N ILE A 363 2.09 -14.84 -17.89
CA ILE A 363 2.89 -15.98 -18.29
C ILE A 363 2.00 -17.18 -18.09
N ARG A 364 1.83 -17.99 -19.14
CA ARG A 364 0.97 -19.17 -18.97
C ARG A 364 1.61 -20.54 -19.26
N HIS A 365 1.04 -21.56 -18.63
CA HIS A 365 1.40 -22.96 -18.85
C HIS A 365 0.67 -23.44 -20.11
N ASN A 366 1.42 -23.68 -21.17
CA ASN A 366 0.84 -23.88 -22.49
C ASN A 366 -0.05 -25.12 -22.60
N LYS A 367 0.33 -26.18 -21.89
CA LYS A 367 -0.38 -27.43 -21.94
C LYS A 367 -1.81 -27.31 -21.36
N THR A 368 -1.91 -26.73 -20.16
CA THR A 368 -3.19 -26.58 -19.48
C THR A 368 -3.82 -25.22 -19.76
N ARG A 369 -2.98 -24.24 -20.12
CA ARG A 369 -3.41 -22.89 -20.45
C ARG A 369 -3.63 -21.98 -19.21
N ASN A 370 -3.28 -22.53 -18.04
CA ASN A 370 -3.41 -21.79 -16.77
C ASN A 370 -2.39 -20.64 -16.62
N ILE A 371 -2.86 -19.53 -16.06
CA ILE A 371 -1.99 -18.39 -15.79
C ILE A 371 -1.20 -18.65 -14.50
N ILE A 372 0.12 -18.50 -14.60
CA ILE A 372 1.04 -18.81 -13.52
C ILE A 372 1.66 -17.54 -12.94
N PHE A 373 1.90 -16.55 -13.80
CA PHE A 373 2.32 -15.22 -13.39
C PHE A 373 1.49 -14.18 -14.14
N PHE A 374 1.06 -13.15 -13.42
CA PHE A 374 0.14 -12.15 -13.91
C PHE A 374 0.70 -10.83 -13.39
N GLY A 375 0.92 -9.88 -14.27
CA GLY A 375 1.51 -8.62 -13.86
C GLY A 375 1.29 -7.45 -14.81
N LYS A 376 1.78 -6.29 -14.40
CA LYS A 376 1.83 -5.12 -15.26
C LYS A 376 3.15 -4.45 -15.00
N PHE A 377 3.87 -4.18 -16.08
CA PHE A 377 5.12 -3.46 -15.98
C PHE A 377 4.81 -1.99 -16.18
N CYS A 378 4.91 -1.20 -15.10
CA CYS A 378 4.54 0.20 -15.16
C CYS A 378 5.73 1.16 -15.21
N SER A 379 6.83 0.78 -14.56
CA SER A 379 8.07 1.55 -14.65
C SER A 379 9.29 0.71 -14.28
N PRO A 380 10.45 0.97 -14.93
CA PRO A 380 11.71 0.37 -14.47
C PRO A 380 12.03 0.69 -13.00
N SER B 5 3.09 16.18 -13.02
CA SER B 5 2.66 17.33 -12.17
C SER B 5 1.24 17.16 -11.64
N MET B 6 0.53 16.13 -12.08
CA MET B 6 -0.83 15.88 -11.62
C MET B 6 -0.82 15.27 -10.21
N ASP B 7 0.31 14.64 -9.87
CA ASP B 7 0.56 14.17 -8.51
C ASP B 7 1.27 15.25 -7.67
N ALA B 8 1.27 16.49 -8.16
CA ALA B 8 1.46 17.68 -7.33
C ALA B 8 0.10 18.29 -6.82
N LEU B 9 -0.73 17.39 -6.30
CA LEU B 9 -1.79 17.61 -5.33
C LEU B 9 -1.03 17.62 -4.00
N GLN B 10 0.24 17.20 -4.06
CA GLN B 10 1.18 17.31 -2.96
C GLN B 10 1.25 18.78 -2.52
N LEU B 11 1.57 19.66 -3.47
CA LEU B 11 1.72 21.10 -3.20
C LEU B 11 0.47 21.65 -2.52
N ALA B 12 -0.69 21.26 -3.04
CA ALA B 12 -1.95 21.55 -2.39
C ALA B 12 -1.95 21.06 -0.94
N ASN B 13 -1.65 19.78 -0.75
CA ASN B 13 -1.70 19.16 0.57
C ASN B 13 -0.76 19.82 1.59
N SER B 14 0.36 20.35 1.12
CA SER B 14 1.33 20.98 2.02
C SER B 14 0.96 22.43 2.31
N ALA B 15 0.38 23.11 1.31
CA ALA B 15 -0.16 24.44 1.52
C ALA B 15 -1.19 24.40 2.64
N PHE B 16 -2.19 23.52 2.51
CA PHE B 16 -3.21 23.34 3.53
C PHE B 16 -2.64 22.93 4.89
N ALA B 17 -1.59 22.11 4.88
CA ALA B 17 -0.94 21.68 6.11
C ALA B 17 -0.32 22.87 6.84
N VAL B 18 0.42 23.70 6.13
CA VAL B 18 1.00 24.91 6.71
C VAL B 18 -0.13 25.80 7.29
N ASP B 19 -1.15 26.06 6.47
CA ASP B 19 -2.34 26.82 6.91
C ASP B 19 -2.85 26.35 8.26
N LEU B 20 -3.22 25.08 8.34
CA LEU B 20 -3.78 24.51 9.54
C LEU B 20 -2.77 24.39 10.67
N PHE B 21 -1.49 24.24 10.33
CA PHE B 21 -0.46 24.26 11.33
C PHE B 21 -0.44 25.64 12.01
N LYS B 22 -0.54 26.70 11.22
CA LYS B 22 -0.50 28.06 11.75
C LYS B 22 -1.68 28.27 12.72
N GLN B 23 -2.83 27.74 12.35
CA GLN B 23 -4.03 27.84 13.17
C GLN B 23 -3.83 27.14 14.50
N LEU B 24 -3.34 25.89 14.46
CA LEU B 24 -3.06 25.11 15.67
C LEU B 24 -2.00 25.78 16.53
N CYS B 25 -1.00 26.37 15.89
CA CYS B 25 0.02 27.13 16.55
C CYS B 25 -0.59 28.31 17.31
N GLU B 26 -1.56 29.00 16.72
CA GLU B 26 -2.25 30.07 17.40
C GLU B 26 -2.95 29.55 18.64
N LYS B 27 -3.61 28.40 18.53
CA LYS B 27 -4.43 27.87 19.62
C LYS B 27 -3.63 27.23 20.78
N GLU B 28 -2.45 26.67 20.48
CA GLU B 28 -1.58 26.10 21.51
C GLU B 28 -0.17 26.66 21.36
N PRO B 29 0.01 27.95 21.67
CA PRO B 29 1.29 28.62 21.37
C PRO B 29 2.49 27.98 22.08
N LEU B 30 2.27 27.41 23.25
CA LEU B 30 3.34 26.78 24.01
C LEU B 30 3.27 25.25 23.96
N GLY B 31 2.24 24.72 23.32
CA GLY B 31 2.02 23.27 23.32
C GLY B 31 2.81 22.53 22.26
N ASN B 32 2.98 21.22 22.45
CA ASN B 32 3.60 20.38 21.43
C ASN B 32 2.56 20.03 20.39
N VAL B 33 2.41 20.86 19.37
CA VAL B 33 1.44 20.56 18.32
C VAL B 33 1.85 19.31 17.51
N LEU B 34 0.91 18.38 17.36
CA LEU B 34 1.07 17.26 16.42
C LEU B 34 -0.26 16.86 15.79
N PHE B 35 -0.27 16.77 14.45
CA PHE B 35 -1.45 16.39 13.69
C PHE B 35 -1.03 15.72 12.39
N SER B 36 -1.97 15.04 11.74
CA SER B 36 -1.70 14.36 10.47
C SER B 36 -2.45 15.01 9.32
N PRO B 37 -1.83 15.98 8.65
CA PRO B 37 -2.54 16.79 7.65
C PRO B 37 -3.09 15.96 6.49
N ILE B 38 -2.41 14.87 6.12
CA ILE B 38 -2.86 14.02 5.02
C ILE B 38 -4.23 13.38 5.32
N CYS B 39 -4.45 12.96 6.56
CA CYS B 39 -5.73 12.35 6.92
C CYS B 39 -6.89 13.34 6.74
N LEU B 40 -6.65 14.56 7.16
CA LEU B 40 -7.67 15.56 7.10
C LEU B 40 -7.97 15.95 5.66
N SER B 41 -6.93 16.19 4.88
CA SER B 41 -7.11 16.47 3.49
C SER B 41 -7.92 15.34 2.82
N THR B 42 -7.54 14.10 3.12
CA THR B 42 -8.20 12.94 2.52
C THR B 42 -9.68 12.90 2.85
N SER B 43 -10.02 13.03 4.12
CA SER B 43 -11.43 12.99 4.58
C SER B 43 -12.28 14.11 3.99
N LEU B 44 -11.75 15.33 4.00
CA LEU B 44 -12.44 16.48 3.43
C LEU B 44 -12.62 16.38 1.92
N SER B 45 -11.65 15.82 1.21
CA SER B 45 -11.80 15.64 -0.23
C SER B 45 -12.92 14.64 -0.52
N LEU B 46 -13.07 13.63 0.33
CA LEU B 46 -14.16 12.68 0.20
C LEU B 46 -15.49 13.41 0.45
N ALA B 47 -15.52 14.21 1.51
CA ALA B 47 -16.68 15.02 1.80
C ALA B 47 -17.01 15.89 0.58
N GLN B 48 -15.98 16.43 -0.08
CA GLN B 48 -16.18 17.32 -1.23
C GLN B 48 -17.01 16.67 -2.35
N VAL B 49 -16.74 15.39 -2.60
CA VAL B 49 -17.39 14.64 -3.69
C VAL B 49 -18.90 14.58 -3.47
N GLY B 50 -19.31 14.58 -2.21
CA GLY B 50 -20.72 14.59 -1.84
C GLY B 50 -21.35 15.96 -1.84
N ALA B 51 -20.51 17.00 -1.86
CA ALA B 51 -20.99 18.39 -1.84
C ALA B 51 -21.22 19.00 -3.24
N LYS B 52 -22.00 20.08 -3.28
CA LYS B 52 -22.26 20.84 -4.50
C LYS B 52 -22.06 22.34 -4.21
N GLY B 53 -22.07 23.16 -5.26
CA GLY B 53 -22.02 24.62 -5.13
C GLY B 53 -20.93 25.17 -4.21
N ASP B 54 -21.31 26.16 -3.39
CA ASP B 54 -20.37 26.84 -2.49
C ASP B 54 -19.76 25.94 -1.45
N THR B 55 -20.54 24.99 -0.95
CA THR B 55 -20.03 24.02 0.01
C THR B 55 -18.83 23.31 -0.61
N ALA B 56 -19.00 22.79 -1.82
CA ALA B 56 -17.94 22.07 -2.56
C ALA B 56 -16.77 22.98 -2.90
N ASN B 57 -17.10 24.21 -3.28
CA ASN B 57 -16.08 25.16 -3.65
C ASN B 57 -15.22 25.58 -2.48
N GLU B 58 -15.85 25.82 -1.34
CA GLU B 58 -15.12 26.15 -0.12
C GLU B 58 -14.08 25.08 0.23
N ILE B 59 -14.50 23.82 0.22
CA ILE B 59 -13.57 22.71 0.48
C ILE B 59 -12.42 22.76 -0.53
N GLY B 60 -12.75 23.05 -1.79
CA GLY B 60 -11.75 23.10 -2.85
C GLY B 60 -10.70 24.16 -2.59
N GLN B 61 -11.15 25.35 -2.18
CA GLN B 61 -10.26 26.49 -1.95
C GLN B 61 -9.42 26.37 -0.69
N VAL B 62 -10.01 25.82 0.38
CA VAL B 62 -9.32 25.67 1.64
C VAL B 62 -8.25 24.60 1.52
N LEU B 63 -8.57 23.52 0.81
CA LEU B 63 -7.63 22.43 0.64
C LEU B 63 -6.63 22.66 -0.50
N HIS B 64 -6.81 23.77 -1.22
CA HIS B 64 -5.89 24.21 -2.29
C HIS B 64 -5.92 23.34 -3.57
N PHE B 65 -7.04 22.65 -3.79
CA PHE B 65 -7.23 21.75 -4.95
C PHE B 65 -7.46 22.50 -6.25
N GLU B 66 -7.38 23.82 -6.19
CA GLU B 66 -7.65 24.70 -7.33
C GLU B 66 -7.12 24.15 -8.65
N ASN B 67 -5.81 23.97 -8.75
CA ASN B 67 -5.22 23.53 -10.02
C ASN B 67 -4.80 22.04 -10.11
N VAL B 68 -5.21 21.25 -9.13
CA VAL B 68 -5.02 19.80 -9.20
C VAL B 68 -6.08 19.22 -10.15
N LYS B 69 -5.65 18.39 -11.11
CA LYS B 69 -6.63 17.63 -11.92
C LYS B 69 -7.21 16.50 -11.09
N ASP B 70 -7.21 15.27 -11.57
CA ASP B 70 -7.93 14.20 -10.86
C ASP B 70 -7.49 14.07 -9.39
N VAL B 71 -8.25 14.72 -8.51
CA VAL B 71 -8.00 14.70 -7.07
C VAL B 71 -8.19 13.27 -6.51
N PRO B 72 -9.39 12.66 -6.73
CA PRO B 72 -9.68 11.30 -6.22
C PRO B 72 -8.61 10.26 -6.55
N PHE B 73 -8.14 10.22 -7.78
CA PHE B 73 -7.07 9.30 -8.17
C PHE B 73 -5.77 9.63 -7.44
N GLY B 74 -5.54 10.91 -7.19
CA GLY B 74 -4.32 11.36 -6.53
C GLY B 74 -4.25 10.74 -5.16
N PHE B 75 -5.37 10.85 -4.44
CA PHE B 75 -5.51 10.29 -3.09
C PHE B 75 -5.54 8.78 -3.11
N GLN B 76 -6.19 8.23 -4.14
CA GLN B 76 -6.15 6.79 -4.37
C GLN B 76 -4.71 6.30 -4.35
N THR B 77 -3.82 7.07 -4.97
CA THR B 77 -2.43 6.70 -5.09
C THR B 77 -1.72 6.80 -3.75
N VAL B 78 -1.89 7.95 -3.07
CA VAL B 78 -1.23 8.20 -1.79
C VAL B 78 -1.69 7.25 -0.69
N THR B 79 -2.99 6.97 -0.62
CA THR B 79 -3.52 6.05 0.37
C THR B 79 -2.92 4.67 0.16
N SER B 80 -2.92 4.22 -1.09
CA SER B 80 -2.38 2.92 -1.42
C SER B 80 -0.92 2.78 -1.00
N ASP B 81 -0.13 3.79 -1.31
CA ASP B 81 1.28 3.81 -0.93
C ASP B 81 1.40 3.67 0.57
N VAL B 82 0.57 4.44 1.27
CA VAL B 82 0.62 4.49 2.71
C VAL B 82 0.16 3.18 3.35
N ASN B 83 -0.89 2.59 2.80
CA ASN B 83 -1.41 1.34 3.35
C ASN B 83 -0.40 0.18 3.18
N LYS B 84 0.29 0.18 2.04
CA LYS B 84 1.37 -0.76 1.80
C LYS B 84 2.40 -0.56 2.90
N LEU B 85 2.89 0.67 2.98
CA LEU B 85 3.90 1.08 3.94
C LEU B 85 3.55 0.62 5.35
N SER B 86 2.28 0.36 5.58
CA SER B 86 1.82 -0.06 6.90
C SER B 86 2.12 -1.54 7.20
N SER B 87 2.74 -2.24 6.27
CA SER B 87 3.15 -3.61 6.48
C SER B 87 4.62 -3.69 6.88
N PHE B 88 5.36 -2.60 6.69
CA PHE B 88 6.77 -2.50 7.11
C PHE B 88 6.94 -1.72 8.43
N TYR B 89 6.28 -0.57 8.52
CA TYR B 89 6.38 0.28 9.71
C TYR B 89 5.27 0.03 10.71
N SER B 90 5.48 0.46 11.96
CA SER B 90 4.39 0.55 12.93
C SER B 90 3.67 1.85 12.63
N LEU B 91 2.85 1.81 11.58
CA LEU B 91 2.19 2.99 11.03
C LEU B 91 0.73 2.68 10.72
N LYS B 92 -0.15 3.56 11.18
CA LYS B 92 -1.55 3.49 10.81
C LYS B 92 -2.06 4.88 10.53
N LEU B 93 -2.68 5.06 9.37
CA LEU B 93 -3.36 6.30 9.05
C LEU B 93 -4.80 5.98 8.74
N ILE B 94 -5.60 5.83 9.79
CA ILE B 94 -6.99 5.40 9.67
C ILE B 94 -7.91 6.60 9.48
N LYS B 95 -8.66 6.62 8.39
CA LYS B 95 -9.58 7.73 8.10
C LYS B 95 -10.96 7.16 7.83
N ARG B 96 -11.93 7.48 8.67
CA ARG B 96 -13.30 7.04 8.47
C ARG B 96 -14.24 8.21 8.37
N LEU B 97 -15.20 8.12 7.45
CA LEU B 97 -16.29 9.07 7.40
C LEU B 97 -17.57 8.29 7.65
N TYR B 98 -18.22 8.61 8.76
CA TYR B 98 -19.39 7.88 9.16
C TYR B 98 -20.61 8.72 8.85
N VAL B 99 -21.51 8.18 8.04
CA VAL B 99 -22.79 8.82 7.77
C VAL B 99 -23.95 8.07 8.42
N ASP B 100 -24.97 8.80 8.86
CA ASP B 100 -26.16 8.17 9.44
C ASP B 100 -26.97 7.47 8.35
N LYS B 101 -27.58 6.34 8.71
CA LYS B 101 -28.40 5.58 7.76
C LYS B 101 -29.54 6.42 7.23
N SER B 102 -30.13 7.24 8.10
CA SER B 102 -31.26 8.08 7.75
C SER B 102 -31.00 9.03 6.56
N LEU B 103 -29.75 9.13 6.11
CA LEU B 103 -29.46 9.89 4.90
C LEU B 103 -29.07 9.03 3.70
N ASN B 104 -29.95 8.09 3.33
CA ASN B 104 -29.81 7.26 2.13
C ASN B 104 -28.92 7.86 1.05
N LEU B 105 -27.70 7.34 0.98
CA LEU B 105 -26.65 7.83 0.07
C LEU B 105 -26.93 7.43 -1.37
N SER B 106 -26.59 8.32 -2.30
CA SER B 106 -26.83 8.05 -3.71
C SER B 106 -25.84 7.00 -4.20
N THR B 107 -26.28 6.21 -5.18
CA THR B 107 -25.46 5.19 -5.82
C THR B 107 -24.24 5.83 -6.49
N GLU B 108 -24.49 6.89 -7.26
CA GLU B 108 -23.46 7.64 -7.97
C GLU B 108 -22.31 8.03 -7.05
N PHE B 109 -22.64 8.45 -5.83
CA PHE B 109 -21.65 8.83 -4.84
C PHE B 109 -20.85 7.61 -4.40
N ILE B 110 -21.55 6.53 -4.08
CA ILE B 110 -20.91 5.30 -3.59
C ILE B 110 -19.97 4.69 -4.64
N SER B 111 -20.42 4.64 -5.90
CA SER B 111 -19.58 4.12 -6.97
C SER B 111 -18.42 5.07 -7.26
N SER B 112 -18.69 6.37 -7.19
CA SER B 112 -17.68 7.40 -7.39
C SER B 112 -16.57 7.29 -6.34
N THR B 113 -16.85 6.56 -5.27
CA THR B 113 -16.04 6.57 -4.06
C THR B 113 -15.32 5.25 -3.70
N LYS B 114 -15.90 4.12 -4.11
CA LYS B 114 -15.40 2.77 -3.77
C LYS B 114 -13.87 2.68 -3.77
N ARG B 115 -13.28 2.98 -4.93
CA ARG B 115 -11.87 2.77 -5.17
C ARG B 115 -10.97 3.85 -4.55
N PRO B 116 -11.23 5.14 -4.84
CA PRO B 116 -10.36 6.18 -4.28
C PRO B 116 -10.35 6.25 -2.75
N TYR B 117 -11.49 6.00 -2.13
CA TYR B 117 -11.60 6.04 -0.66
C TYR B 117 -12.20 4.73 -0.16
N ALA B 118 -11.54 3.64 -0.52
CA ALA B 118 -11.96 2.30 -0.14
C ALA B 118 -12.03 2.18 1.37
N LYS B 119 -13.15 1.66 1.86
CA LYS B 119 -13.35 1.37 3.27
C LYS B 119 -13.39 2.61 4.18
N GLU B 120 -13.09 3.77 3.60
CA GLU B 120 -13.01 5.04 4.34
C GLU B 120 -14.36 5.66 4.62
N LEU B 121 -15.39 5.17 3.95
CA LEU B 121 -16.76 5.60 4.20
C LEU B 121 -17.60 4.41 4.63
N GLU B 122 -18.39 4.58 5.70
CA GLU B 122 -19.38 3.56 6.09
C GLU B 122 -20.58 4.19 6.79
N THR B 123 -21.76 3.59 6.60
CA THR B 123 -22.98 4.17 7.17
C THR B 123 -23.34 3.51 8.50
N VAL B 124 -23.89 4.32 9.40
CA VAL B 124 -24.06 3.95 10.79
C VAL B 124 -25.41 4.50 11.28
N ASP B 125 -25.93 3.94 12.37
CA ASP B 125 -27.18 4.41 12.94
C ASP B 125 -26.96 5.25 14.20
N PHE B 126 -26.55 6.51 14.01
CA PHE B 126 -26.37 7.46 15.12
C PHE B 126 -27.71 7.77 15.77
N LYS B 127 -28.72 7.96 14.91
CA LYS B 127 -30.02 8.48 15.32
C LYS B 127 -30.65 7.64 16.42
N ASP B 128 -30.85 6.37 16.14
CA ASP B 128 -31.59 5.49 17.02
C ASP B 128 -30.73 4.72 18.01
N LYS B 129 -29.80 3.90 17.52
CA LYS B 129 -28.90 3.14 18.41
C LYS B 129 -27.54 3.81 18.53
N LEU B 130 -27.57 5.01 19.10
CA LEU B 130 -26.38 5.83 19.31
C LEU B 130 -25.34 5.13 20.17
N GLU B 131 -25.72 4.68 21.37
CA GLU B 131 -24.77 4.09 22.32
C GLU B 131 -24.12 2.81 21.80
N GLU B 132 -24.89 2.05 21.02
CA GLU B 132 -24.37 0.88 20.36
C GLU B 132 -23.39 1.28 19.28
N THR B 133 -23.79 2.25 18.45
CA THR B 133 -22.93 2.85 17.44
C THR B 133 -21.60 3.31 18.04
N LYS B 134 -21.69 4.19 19.03
CA LYS B 134 -20.53 4.70 19.75
C LYS B 134 -19.57 3.60 20.21
N GLY B 135 -20.15 2.52 20.73
CA GLY B 135 -19.37 1.37 21.19
C GLY B 135 -18.76 0.57 20.06
N GLN B 136 -19.45 0.52 18.92
CA GLN B 136 -18.91 -0.17 17.77
C GLN B 136 -17.79 0.63 17.09
N ILE B 137 -18.02 1.94 16.92
CA ILE B 137 -17.03 2.84 16.32
C ILE B 137 -15.71 2.83 17.13
N ASN B 138 -15.82 3.01 18.43
CA ASN B 138 -14.67 2.93 19.34
C ASN B 138 -13.86 1.66 19.17
N ASN B 139 -14.53 0.51 19.24
CA ASN B 139 -13.90 -0.80 19.10
C ASN B 139 -13.30 -1.04 17.73
N SER B 140 -14.00 -0.56 16.70
CA SER B 140 -13.53 -0.68 15.33
C SER B 140 -12.22 0.10 15.14
N ILE B 141 -12.18 1.34 15.63
CA ILE B 141 -10.97 2.15 15.61
C ILE B 141 -9.88 1.59 16.56
N LYS B 142 -10.29 1.07 17.71
CA LYS B 142 -9.35 0.42 18.62
C LYS B 142 -8.59 -0.67 17.88
N ASP B 143 -9.35 -1.47 17.14
CA ASP B 143 -8.79 -2.57 16.38
C ASP B 143 -8.05 -2.10 15.14
N LEU B 144 -8.69 -1.23 14.37
CA LEU B 144 -8.11 -0.68 13.15
C LEU B 144 -6.76 -0.03 13.42
N THR B 145 -6.50 0.22 14.70
CA THR B 145 -5.37 1.01 15.13
C THR B 145 -4.41 0.19 16.02
N ASP B 146 -4.64 -1.11 16.05
CA ASP B 146 -3.80 -2.05 16.78
C ASP B 146 -3.75 -1.77 18.29
N GLY B 147 -4.88 -1.33 18.85
CA GLY B 147 -5.00 -1.15 20.29
C GLY B 147 -4.63 0.20 20.88
N HIS B 148 -3.95 1.07 20.12
CA HIS B 148 -3.49 2.35 20.67
C HIS B 148 -4.60 3.35 20.96
N PHE B 149 -5.63 3.40 20.12
CA PHE B 149 -6.75 4.32 20.31
C PHE B 149 -7.99 3.67 20.90
N GLU B 150 -7.89 3.53 22.22
CA GLU B 150 -8.85 2.94 23.14
C GLU B 150 -10.31 3.35 22.90
N ASN B 151 -10.59 4.65 23.03
CA ASN B 151 -11.95 5.17 23.00
C ASN B 151 -11.94 6.51 22.29
N ILE B 152 -11.86 6.45 20.97
CA ILE B 152 -11.62 7.62 20.13
C ILE B 152 -12.69 8.74 20.24
N LEU B 153 -13.90 8.37 20.63
CA LEU B 153 -15.03 9.31 20.64
C LEU B 153 -15.30 10.01 21.97
N ALA B 154 -14.48 9.72 22.98
CA ALA B 154 -14.87 9.94 24.37
C ALA B 154 -14.53 11.30 24.99
N ASP B 155 -15.03 12.38 24.38
CA ASP B 155 -14.90 13.77 24.88
C ASP B 155 -15.21 14.70 23.72
N ASN B 156 -15.95 14.16 22.77
CA ASN B 156 -16.18 14.82 21.50
C ASN B 156 -17.68 14.98 21.25
N SER B 157 -18.46 14.68 22.30
CA SER B 157 -19.91 14.68 22.28
C SER B 157 -20.49 14.40 20.90
N VAL B 158 -20.39 13.14 20.49
CA VAL B 158 -21.11 12.63 19.33
C VAL B 158 -22.51 12.26 19.81
N ASN B 159 -23.49 12.97 19.29
CA ASN B 159 -24.88 12.85 19.73
C ASN B 159 -25.70 12.08 18.72
N ASP B 160 -26.97 11.86 19.03
CA ASP B 160 -27.87 11.16 18.10
C ASP B 160 -28.37 12.08 16.97
N GLN B 161 -27.94 13.34 16.97
CA GLN B 161 -28.25 14.24 15.87
C GLN B 161 -27.10 14.28 14.85
N THR B 162 -26.02 13.58 15.15
CA THR B 162 -24.88 13.45 14.24
C THR B 162 -25.37 12.99 12.84
N LYS B 163 -24.94 13.70 11.80
CA LYS B 163 -25.27 13.32 10.42
C LYS B 163 -24.03 12.76 9.69
N ILE B 164 -22.94 13.50 9.73
CA ILE B 164 -21.67 13.08 9.14
C ILE B 164 -20.58 13.25 10.21
N LEU B 165 -19.82 12.19 10.47
CA LEU B 165 -18.76 12.26 11.45
C LEU B 165 -17.46 11.83 10.80
N VAL B 166 -16.41 12.66 10.97
CA VAL B 166 -15.10 12.35 10.42
C VAL B 166 -14.19 12.00 11.57
N VAL B 167 -13.64 10.79 11.55
CA VAL B 167 -12.58 10.47 12.49
C VAL B 167 -11.28 10.11 11.79
N ASN B 168 -10.18 10.74 12.23
CA ASN B 168 -8.85 10.45 11.77
C ASN B 168 -8.04 9.96 12.97
N ALA B 169 -7.52 8.74 12.87
CA ALA B 169 -6.69 8.15 13.91
C ALA B 169 -5.37 7.69 13.31
N ALA B 170 -4.28 8.26 13.79
CA ALA B 170 -2.97 8.03 13.19
C ALA B 170 -1.91 7.79 14.25
N TYR B 171 -1.00 6.86 13.98
CA TYR B 171 0.15 6.69 14.85
C TYR B 171 1.39 6.22 14.10
N PHE B 172 2.55 6.47 14.70
CA PHE B 172 3.84 6.07 14.13
C PHE B 172 4.89 5.83 15.19
N VAL B 173 5.42 4.62 15.23
CA VAL B 173 6.56 4.31 16.11
C VAL B 173 7.79 4.21 15.22
N GLY B 174 8.48 5.34 15.09
CA GLY B 174 9.62 5.46 14.19
C GLY B 174 10.64 4.34 14.29
N LYS B 175 11.11 3.87 13.15
CA LYS B 175 12.29 3.03 13.08
C LYS B 175 13.22 3.70 12.08
N TRP B 176 14.34 4.22 12.60
CA TRP B 176 15.34 4.93 11.82
C TRP B 176 16.09 4.03 10.85
N MET B 177 16.56 4.63 9.77
CA MET B 177 17.50 3.97 8.89
C MET B 177 18.83 3.77 9.61
N LYS B 178 19.23 4.77 10.41
CA LYS B 178 20.45 4.71 11.20
C LYS B 178 20.06 4.86 12.65
N LYS B 179 20.25 3.79 13.42
CA LYS B 179 19.85 3.78 14.82
C LYS B 179 20.75 4.65 15.66
N PHE B 180 20.20 5.15 16.76
CA PHE B 180 20.99 5.80 17.80
C PHE B 180 21.46 4.73 18.79
N PRO B 181 22.77 4.72 19.11
CA PRO B 181 23.28 3.76 20.08
C PRO B 181 22.70 4.04 21.48
N GLU B 182 21.94 3.08 22.01
CA GLU B 182 21.24 3.26 23.30
C GLU B 182 22.11 3.85 24.42
N SER B 183 23.36 3.38 24.48
CA SER B 183 24.31 3.75 25.54
C SER B 183 24.69 5.22 25.53
N GLU B 184 24.41 5.90 24.42
CA GLU B 184 24.80 7.29 24.27
C GLU B 184 23.61 8.24 24.54
N THR B 185 22.43 7.69 24.71
CA THR B 185 21.28 8.45 25.16
C THR B 185 21.61 8.84 26.57
N LYS B 186 21.45 10.12 26.91
CA LYS B 186 21.57 10.55 28.32
C LYS B 186 20.71 11.77 28.66
N GLU B 187 20.48 11.97 29.95
CA GLU B 187 19.58 13.04 30.41
C GLU B 187 20.22 14.42 30.31
N CYS B 188 19.52 15.35 29.66
CA CYS B 188 20.06 16.69 29.41
C CYS B 188 19.00 17.78 29.59
N PRO B 189 19.42 19.02 29.86
CA PRO B 189 18.45 20.12 29.91
C PRO B 189 17.97 20.57 28.53
N PHE B 190 16.67 20.55 28.31
CA PHE B 190 16.10 21.09 27.08
C PHE B 190 15.82 22.56 27.32
N ARG B 191 16.37 23.40 26.47
CA ARG B 191 16.17 24.84 26.60
C ARG B 191 14.81 25.28 26.06
N LEU B 192 13.92 25.67 26.97
CA LEU B 192 12.56 26.08 26.62
C LEU B 192 12.56 27.46 25.99
N ASN B 193 13.55 28.24 26.38
CA ASN B 193 13.72 29.60 25.94
C ASN B 193 15.06 30.09 26.46
N LYS B 194 15.28 31.39 26.41
CA LYS B 194 16.58 31.99 26.73
C LYS B 194 17.00 31.77 28.19
N THR B 195 16.03 31.47 29.05
CA THR B 195 16.30 31.41 30.48
C THR B 195 15.95 30.06 31.11
N ASP B 196 14.88 29.43 30.64
CA ASP B 196 14.29 28.26 31.32
C ASP B 196 14.72 26.92 30.74
N THR B 197 14.54 25.85 31.53
CA THR B 197 15.04 24.54 31.18
C THR B 197 14.23 23.40 31.80
N LYS B 198 14.22 22.25 31.11
CA LYS B 198 13.46 21.06 31.52
C LYS B 198 14.18 19.79 31.03
N PRO B 199 14.17 18.71 31.83
CA PRO B 199 14.96 17.52 31.44
C PRO B 199 14.40 16.74 30.25
N VAL B 200 15.31 16.28 29.38
CA VAL B 200 15.01 15.37 28.27
C VAL B 200 16.02 14.25 28.19
N GLN B 201 15.58 13.15 27.57
CA GLN B 201 16.44 12.06 27.16
C GLN B 201 16.95 12.42 25.78
N MET B 202 18.20 12.89 25.71
CA MET B 202 18.79 13.27 24.44
C MET B 202 19.49 12.07 23.79
N MET B 203 19.04 11.67 22.60
CA MET B 203 19.70 10.63 21.82
C MET B 203 20.88 11.23 21.05
N ASN B 204 21.93 10.44 20.88
CA ASN B 204 23.22 10.97 20.40
C ASN B 204 23.97 10.02 19.48
N MET B 205 24.31 10.52 18.28
CA MET B 205 25.15 9.76 17.34
C MET B 205 25.97 10.65 16.44
N GLU B 206 26.91 10.05 15.73
CA GLU B 206 27.62 10.79 14.69
C GLU B 206 27.49 9.99 13.41
N ALA B 207 26.73 10.52 12.46
CA ALA B 207 26.57 9.86 11.19
C ALA B 207 26.36 10.84 10.06
N THR B 208 26.25 10.30 8.85
CA THR B 208 26.14 11.08 7.64
C THR B 208 24.66 11.28 7.32
N PHE B 209 24.27 12.55 7.14
CA PHE B 209 22.87 12.92 6.83
C PHE B 209 22.85 14.09 5.88
N CYS B 210 21.85 14.11 5.01
CA CYS B 210 21.62 15.28 4.18
C CYS B 210 21.20 16.42 5.08
N MET B 211 21.98 17.49 5.09
CA MET B 211 21.74 18.64 5.96
C MET B 211 21.95 19.99 5.23
N GLY B 212 21.23 21.00 5.68
CA GLY B 212 21.40 22.34 5.14
C GLY B 212 21.25 23.39 6.21
N ASN B 213 21.85 24.55 6.02
CA ASN B 213 21.52 25.68 6.87
C ASN B 213 21.42 27.01 6.16
N ILE B 214 20.21 27.58 6.24
CA ILE B 214 19.87 28.87 5.66
C ILE B 214 20.34 30.03 6.55
N ASP B 215 21.22 30.88 5.99
CA ASP B 215 21.74 32.08 6.69
C ASP B 215 20.61 33.03 7.09
N SER B 216 19.68 33.27 6.17
CA SER B 216 18.62 34.28 6.33
C SER B 216 17.60 33.94 7.43
N ILE B 217 17.06 32.73 7.37
CA ILE B 217 16.14 32.22 8.38
C ILE B 217 16.88 31.84 9.68
N ASN B 218 18.20 31.68 9.59
CA ASN B 218 19.03 31.30 10.73
C ASN B 218 18.65 29.90 11.26
N CYS B 219 18.21 29.05 10.33
CA CYS B 219 17.76 27.68 10.63
C CYS B 219 18.72 26.62 10.13
N LYS B 220 18.85 25.55 10.91
CA LYS B 220 19.51 24.33 10.47
C LYS B 220 18.42 23.34 10.13
N ILE B 221 18.56 22.68 8.99
CA ILE B 221 17.58 21.68 8.54
C ILE B 221 18.29 20.36 8.33
N ILE B 222 17.75 19.30 8.91
CA ILE B 222 18.34 17.98 8.69
C ILE B 222 17.30 17.01 8.18
N GLU B 223 17.70 16.10 7.32
CA GLU B 223 16.85 14.97 6.96
C GLU B 223 17.24 13.71 7.74
N LEU B 224 16.29 13.17 8.49
CA LEU B 224 16.53 11.95 9.23
C LEU B 224 15.63 10.85 8.68
N PRO B 225 16.15 10.04 7.73
CA PRO B 225 15.37 8.99 7.07
C PRO B 225 15.01 7.88 8.04
N PHE B 226 13.81 7.35 7.88
CA PHE B 226 13.40 6.15 8.59
C PHE B 226 13.79 4.93 7.73
N GLN B 227 13.61 3.72 8.26
CA GLN B 227 14.13 2.53 7.59
C GLN B 227 13.69 2.41 6.14
N ASN B 228 14.66 2.15 5.25
CA ASN B 228 14.45 2.03 3.79
C ASN B 228 13.95 3.28 3.06
N LYS B 229 14.09 4.44 3.72
CA LYS B 229 13.83 5.73 3.09
C LYS B 229 12.38 5.96 2.63
N HIS B 230 11.44 5.17 3.15
CA HIS B 230 10.04 5.38 2.82
C HIS B 230 9.54 6.69 3.42
N LEU B 231 9.94 6.97 4.65
CA LEU B 231 9.59 8.23 5.29
C LEU B 231 10.82 8.92 5.82
N SER B 232 10.83 10.25 5.79
CA SER B 232 11.90 11.02 6.37
C SER B 232 11.34 12.03 7.36
N MET B 233 12.07 12.26 8.45
CA MET B 233 11.78 13.38 9.33
C MET B 233 12.66 14.58 8.96
N PHE B 234 12.04 15.74 8.79
CA PHE B 234 12.76 16.98 8.60
C PHE B 234 12.64 17.83 9.86
N ILE B 235 13.80 18.13 10.45
CA ILE B 235 13.87 18.94 11.65
C ILE B 235 14.37 20.34 11.28
N LEU B 236 13.61 21.34 11.72
CA LEU B 236 13.93 22.75 11.48
C LEU B 236 14.29 23.39 12.80
N LEU B 237 15.60 23.45 13.06
CA LEU B 237 16.14 23.91 14.34
C LEU B 237 16.73 25.30 14.19
N PRO B 238 16.21 26.30 14.93
CA PRO B 238 16.86 27.61 14.91
C PRO B 238 18.27 27.54 15.53
N LYS B 239 19.21 28.30 14.97
CA LYS B 239 20.61 28.25 15.39
C LYS B 239 20.82 28.77 16.80
N ASP B 240 20.05 29.80 17.17
CA ASP B 240 20.09 30.42 18.49
C ASP B 240 18.83 30.21 19.31
N VAL B 241 18.98 30.25 20.62
CA VAL B 241 17.84 30.12 21.53
C VAL B 241 17.05 31.43 21.58
N GLU B 242 15.72 31.31 21.59
CA GLU B 242 14.81 32.46 21.49
C GLU B 242 13.60 32.30 22.41
N ASP B 243 13.03 33.44 22.78
CA ASP B 243 11.79 33.48 23.54
C ASP B 243 10.68 32.92 22.67
N GLU B 244 9.62 32.46 23.32
CA GLU B 244 8.49 31.90 22.63
C GLU B 244 7.91 32.93 21.67
N SER B 245 7.59 34.11 22.19
CA SER B 245 6.93 35.17 21.40
C SER B 245 7.72 35.52 20.15
N THR B 246 9.04 35.51 20.24
CA THR B 246 9.88 35.69 19.07
C THR B 246 9.69 34.55 18.06
N GLY B 247 9.94 33.31 18.50
CA GLY B 247 9.83 32.15 17.62
C GLY B 247 8.45 31.94 17.04
N LEU B 248 7.44 32.24 17.86
CA LEU B 248 6.05 32.20 17.44
C LEU B 248 5.78 33.25 16.35
N GLU B 249 6.44 34.41 16.47
CA GLU B 249 6.32 35.48 15.49
C GLU B 249 6.95 35.09 14.17
N LYS B 250 8.01 34.30 14.24
CA LYS B 250 8.70 33.80 13.05
C LYS B 250 7.85 32.77 12.30
N ILE B 251 7.18 31.90 13.04
CA ILE B 251 6.20 30.99 12.46
C ILE B 251 5.07 31.76 11.72
N GLU B 252 4.71 32.94 12.22
CA GLU B 252 3.68 33.75 11.57
C GLU B 252 4.17 34.46 10.29
N LYS B 253 5.44 34.85 10.24
CA LYS B 253 5.96 35.66 9.12
C LYS B 253 6.86 34.89 8.16
N GLN B 254 7.78 34.09 8.70
CA GLN B 254 8.73 33.34 7.89
C GLN B 254 8.08 32.15 7.17
N LEU B 255 7.38 31.30 7.92
CA LEU B 255 6.80 30.05 7.41
C LEU B 255 5.64 30.25 6.43
N ASN B 256 5.74 29.60 5.28
CA ASN B 256 4.62 29.47 4.34
C ASN B 256 4.86 28.26 3.46
N SER B 257 3.84 27.89 2.68
CA SER B 257 3.90 26.71 1.81
C SER B 257 5.17 26.65 0.94
N GLU B 258 5.44 27.70 0.17
CA GLU B 258 6.61 27.74 -0.72
C GLU B 258 7.92 27.58 0.06
N SER B 259 8.00 28.25 1.21
CA SER B 259 9.21 28.28 2.03
C SER B 259 9.53 26.93 2.65
N LEU B 260 8.50 26.29 3.19
CA LEU B 260 8.66 24.98 3.81
C LEU B 260 9.22 24.00 2.78
N SER B 261 8.66 24.05 1.58
CA SER B 261 9.09 23.23 0.46
C SER B 261 10.58 23.47 0.14
N GLN B 262 10.99 24.73 0.09
CA GLN B 262 12.33 25.12 -0.31
C GLN B 262 13.42 24.79 0.72
N TRP B 263 13.12 25.03 1.99
CA TRP B 263 14.11 24.76 3.03
C TRP B 263 14.20 23.26 3.30
N THR B 264 13.24 22.53 2.77
CA THR B 264 13.07 21.13 3.12
C THR B 264 13.41 20.21 1.94
N ASN B 265 13.71 20.82 0.81
CA ASN B 265 14.15 20.08 -0.36
C ASN B 265 15.59 19.58 -0.14
N PRO B 266 15.77 18.23 -0.08
CA PRO B 266 17.12 17.67 0.11
C PRO B 266 18.12 18.01 -1.00
N SER B 267 17.68 18.59 -2.12
CA SER B 267 18.66 19.09 -3.11
C SER B 267 19.18 20.49 -2.77
N THR B 268 18.52 21.18 -1.86
CA THR B 268 19.05 22.41 -1.26
C THR B 268 20.19 22.08 -0.27
N MET B 269 20.18 20.82 0.22
CA MET B 269 21.04 20.36 1.31
C MET B 269 22.33 19.73 0.81
N ALA B 270 23.28 19.59 1.71
CA ALA B 270 24.52 18.92 1.39
C ALA B 270 24.71 17.71 2.29
N ASN B 271 25.58 16.81 1.88
CA ASN B 271 25.88 15.63 2.66
C ASN B 271 26.88 15.99 3.75
N ALA B 272 26.53 15.67 5.00
CA ALA B 272 27.38 16.04 6.13
C ALA B 272 27.51 14.96 7.17
N LYS B 273 28.70 14.83 7.73
CA LYS B 273 28.91 14.04 8.95
C LYS B 273 28.49 14.87 10.17
N VAL B 274 27.29 14.61 10.68
CA VAL B 274 26.76 15.41 11.79
C VAL B 274 26.85 14.76 13.15
N LYS B 275 27.25 15.56 14.12
CA LYS B 275 27.17 15.21 15.53
C LYS B 275 25.72 15.49 15.96
N LEU B 276 24.91 14.44 15.91
CA LEU B 276 23.47 14.57 16.05
C LEU B 276 23.00 14.32 17.46
N SER B 277 22.16 15.23 17.95
CA SER B 277 21.51 15.09 19.23
C SER B 277 20.04 15.43 19.05
N ILE B 278 19.18 14.46 19.35
CA ILE B 278 17.75 14.56 19.12
C ILE B 278 17.07 14.08 20.38
N PRO B 279 16.02 14.81 20.83
CA PRO B 279 15.30 14.30 22.00
C PRO B 279 14.55 13.02 21.70
N LYS B 280 14.52 12.13 22.68
CA LYS B 280 13.70 10.95 22.67
C LYS B 280 12.32 11.39 23.11
N PHE B 281 11.32 11.27 22.25
CA PHE B 281 10.00 11.81 22.61
C PHE B 281 8.79 11.05 22.08
N LYS B 282 7.71 11.09 22.89
CA LYS B 282 6.41 10.49 22.55
C LYS B 282 5.29 11.50 22.70
N VAL B 283 4.70 11.93 21.60
CA VAL B 283 3.65 12.95 21.65
C VAL B 283 2.33 12.42 21.10
N GLU B 284 1.28 12.60 21.90
CA GLU B 284 -0.09 12.23 21.51
C GLU B 284 -1.01 13.44 21.63
N LYS B 285 -1.70 13.79 20.55
CA LYS B 285 -2.54 14.99 20.55
C LYS B 285 -3.86 14.74 19.86
N MET B 286 -4.93 15.25 20.45
CA MET B 286 -6.24 15.23 19.83
C MET B 286 -6.71 16.66 19.62
N ILE B 287 -7.24 16.95 18.44
CA ILE B 287 -7.74 18.28 18.14
C ILE B 287 -9.19 18.24 17.65
N ASP B 288 -9.89 19.36 17.79
CA ASP B 288 -11.16 19.53 17.11
C ASP B 288 -10.96 20.59 16.03
N PRO B 289 -10.67 20.15 14.79
CA PRO B 289 -10.26 21.06 13.72
C PRO B 289 -11.33 22.04 13.28
N LYS B 290 -12.58 21.79 13.66
CA LYS B 290 -13.73 22.61 13.23
C LYS B 290 -13.46 24.11 13.30
N ALA B 291 -13.05 24.57 14.48
CA ALA B 291 -12.86 25.99 14.69
C ALA B 291 -11.80 26.51 13.74
N CYS B 292 -10.72 25.75 13.64
CA CYS B 292 -9.55 26.16 12.89
C CYS B 292 -9.85 26.15 11.40
N LEU B 293 -10.60 25.14 10.99
CA LEU B 293 -11.04 25.02 9.61
C LEU B 293 -11.94 26.17 9.18
N GLU B 294 -12.88 26.53 10.05
CA GLU B 294 -13.74 27.67 9.79
C GLU B 294 -12.93 28.94 9.57
N ASN B 295 -11.79 29.04 10.28
CA ASN B 295 -10.89 30.18 10.15
C ASN B 295 -10.14 30.24 8.83
N LEU B 296 -9.98 29.09 8.19
CA LEU B 296 -9.42 29.04 6.85
C LEU B 296 -10.48 29.30 5.78
N GLY B 297 -11.74 29.32 6.20
CA GLY B 297 -12.84 29.69 5.31
C GLY B 297 -13.86 28.59 5.07
N LEU B 298 -13.90 27.60 5.97
CA LEU B 298 -14.87 26.50 5.87
C LEU B 298 -16.10 26.70 6.76
N LYS B 299 -17.12 27.37 6.24
CA LYS B 299 -18.36 27.55 7.00
C LYS B 299 -19.47 26.57 6.62
N HIS B 300 -19.93 26.69 5.38
CA HIS B 300 -21.05 25.89 4.88
C HIS B 300 -21.05 24.42 5.30
N ILE B 301 -19.88 23.79 5.32
CA ILE B 301 -19.77 22.35 5.63
C ILE B 301 -20.41 21.97 6.95
N PHE B 302 -20.31 22.85 7.94
CA PHE B 302 -20.72 22.54 9.31
C PHE B 302 -22.16 22.93 9.61
N SER B 303 -22.71 23.87 8.86
CA SER B 303 -24.08 24.33 9.09
C SER B 303 -25.08 23.52 8.30
N GLU B 304 -26.13 23.07 8.97
CA GLU B 304 -27.16 22.26 8.34
C GLU B 304 -28.07 23.08 7.44
N ASP B 305 -28.11 24.39 7.69
CA ASP B 305 -28.94 25.31 6.92
C ASP B 305 -28.34 25.60 5.55
N THR B 306 -27.07 25.98 5.52
CA THR B 306 -26.44 26.48 4.31
C THR B 306 -25.63 25.44 3.52
N SER B 307 -25.37 24.28 4.12
CA SER B 307 -24.60 23.26 3.42
C SER B 307 -25.41 22.60 2.32
N ASP B 308 -24.70 22.16 1.27
CA ASP B 308 -25.30 21.47 0.13
C ASP B 308 -24.58 20.13 -0.06
N PHE B 309 -25.25 19.04 0.28
CA PHE B 309 -24.68 17.70 0.07
C PHE B 309 -25.53 16.85 -0.89
N SER B 310 -26.03 17.48 -1.95
CA SER B 310 -26.85 16.82 -2.98
C SER B 310 -26.12 15.67 -3.67
N GLY B 311 -24.79 15.82 -3.81
CA GLY B 311 -23.94 14.81 -4.41
C GLY B 311 -23.97 13.48 -3.69
N MET B 312 -24.08 13.51 -2.37
CA MET B 312 -24.09 12.29 -1.57
C MET B 312 -25.47 11.87 -1.02
N SER B 313 -26.37 12.84 -0.82
CA SER B 313 -27.69 12.56 -0.24
C SER B 313 -28.70 13.64 -0.58
N GLU B 314 -29.98 13.32 -0.45
CA GLU B 314 -31.00 14.33 -0.66
C GLU B 314 -31.83 14.59 0.58
N THR B 315 -31.42 14.02 1.70
CA THR B 315 -31.94 14.36 3.01
C THR B 315 -31.52 15.78 3.38
N LYS B 316 -32.49 16.65 3.68
CA LYS B 316 -32.19 18.00 4.13
C LYS B 316 -31.62 17.99 5.56
N GLY B 317 -30.91 19.04 5.92
CA GLY B 317 -30.31 19.15 7.24
C GLY B 317 -29.06 18.32 7.43
N VAL B 318 -28.38 18.00 6.34
CA VAL B 318 -27.15 17.25 6.39
C VAL B 318 -25.97 18.21 6.50
N ALA B 319 -25.09 17.97 7.47
CA ALA B 319 -23.84 18.71 7.61
C ALA B 319 -22.76 17.88 8.25
N LEU B 320 -21.52 18.35 8.15
CA LEU B 320 -20.41 17.74 8.84
C LEU B 320 -20.59 18.11 10.30
N SER B 321 -21.09 17.16 11.07
CA SER B 321 -21.50 17.42 12.44
C SER B 321 -20.32 17.53 13.39
N ASN B 322 -19.29 16.72 13.14
CA ASN B 322 -18.22 16.57 14.09
C ASN B 322 -16.95 16.05 13.41
N VAL B 323 -15.79 16.53 13.86
CA VAL B 323 -14.50 16.06 13.34
C VAL B 323 -13.54 15.73 14.47
N ILE B 324 -13.14 14.47 14.53
CA ILE B 324 -12.18 13.97 15.51
C ILE B 324 -10.85 13.62 14.85
N HIS B 325 -9.76 14.16 15.39
CA HIS B 325 -8.42 13.97 14.83
C HIS B 325 -7.46 13.70 15.99
N LYS B 326 -7.06 12.44 16.15
CA LYS B 326 -6.06 12.09 17.17
C LYS B 326 -4.82 11.47 16.52
N VAL B 327 -3.65 11.98 16.93
CA VAL B 327 -2.38 11.56 16.36
C VAL B 327 -1.36 11.25 17.44
N CYS B 328 -0.65 10.14 17.30
CA CYS B 328 0.38 9.78 18.27
C CYS B 328 1.70 9.38 17.62
N LEU B 329 2.76 10.12 17.92
CA LEU B 329 4.09 9.83 17.39
C LEU B 329 5.07 9.45 18.48
N GLU B 330 5.69 8.27 18.35
CA GLU B 330 6.76 7.85 19.25
C GLU B 330 8.10 7.74 18.53
N ILE B 331 9.10 8.39 19.10
CA ILE B 331 10.42 8.42 18.50
C ILE B 331 11.45 7.93 19.52
N THR B 332 12.17 6.88 19.14
CA THR B 332 13.24 6.33 19.99
C THR B 332 14.55 6.11 19.23
N GLU B 333 15.45 5.33 19.82
CA GLU B 333 16.75 5.04 19.22
C GLU B 333 16.62 3.96 18.16
N ASP B 334 15.56 3.18 18.27
CA ASP B 334 15.25 2.08 17.37
C ASP B 334 15.49 2.41 15.87
N GLY B 335 16.37 1.62 15.25
CA GLY B 335 16.69 1.77 13.82
C GLY B 335 17.43 0.59 13.24
N GLY B 336 17.89 0.68 12.00
CA GLY B 336 18.76 -0.35 11.40
C GLY B 336 20.23 -0.05 11.68
N ASP B 337 21.14 -0.80 11.07
CA ASP B 337 22.57 -0.62 11.34
C ASP B 337 23.29 0.16 10.24
N VAL B 341 24.58 1.74 3.87
CA VAL B 341 25.70 1.84 4.81
C VAL B 341 27.00 1.53 4.08
N PRO B 342 27.69 2.57 3.58
CA PRO B 342 28.95 2.59 2.81
C PRO B 342 29.77 3.86 3.03
N GLY B 343 31.04 3.72 3.43
CA GLY B 343 31.94 4.87 3.62
C GLY B 343 31.91 5.73 2.37
N ALA B 344 31.44 6.97 2.51
CA ALA B 344 31.17 7.85 1.36
C ALA B 344 32.44 8.45 0.73
N ARG B 345 32.74 9.72 1.00
CA ARG B 345 33.92 10.38 0.41
C ARG B 345 34.30 11.72 1.05
N ILE B 346 35.17 12.43 0.32
CA ILE B 346 35.54 13.84 0.51
C ILE B 346 34.35 14.78 0.17
N LEU B 347 33.32 14.22 -0.46
CA LEU B 347 32.09 14.95 -0.73
C LEU B 347 31.32 15.13 0.57
N GLN B 348 32.03 15.67 1.57
CA GLN B 348 31.55 15.78 2.95
C GLN B 348 32.32 16.81 3.75
N HIS B 349 31.58 17.76 4.33
CA HIS B 349 32.09 18.59 5.40
C HIS B 349 31.36 18.21 6.69
N LYS B 350 31.90 18.66 7.83
CA LYS B 350 31.32 18.37 9.13
C LYS B 350 30.34 19.46 9.63
N ASP B 351 29.33 19.05 10.39
CA ASP B 351 28.43 20.00 11.02
C ASP B 351 27.84 19.44 12.30
N GLU B 352 27.25 20.30 13.10
CA GLU B 352 26.59 19.86 14.34
C GLU B 352 25.12 20.24 14.34
N LEU B 353 24.31 19.36 14.92
CA LEU B 353 22.86 19.58 15.06
C LEU B 353 22.41 19.06 16.42
N ASN B 354 22.24 19.99 17.36
CA ASN B 354 21.82 19.67 18.69
C ASN B 354 20.43 20.24 18.94
N ALA B 355 19.40 19.42 18.79
CA ALA B 355 18.01 19.88 19.01
C ALA B 355 17.64 19.93 20.50
N ASP B 356 18.31 20.81 21.23
CA ASP B 356 18.07 20.96 22.65
C ASP B 356 17.18 22.18 22.95
N HIS B 357 16.44 22.62 21.93
CA HIS B 357 15.50 23.73 22.08
C HIS B 357 14.42 23.61 21.01
N PRO B 358 13.36 24.44 21.10
CA PRO B 358 12.18 24.17 20.26
C PRO B 358 12.50 24.08 18.76
N PHE B 359 11.88 23.12 18.09
CA PHE B 359 12.00 22.91 16.65
C PHE B 359 10.68 22.53 16.00
N ILE B 360 10.47 22.96 14.75
CA ILE B 360 9.35 22.48 13.95
C ILE B 360 9.82 21.21 13.29
N TYR B 361 8.95 20.23 13.18
CA TYR B 361 9.29 19.02 12.42
C TYR B 361 8.15 18.56 11.52
N ILE B 362 8.51 18.04 10.34
CA ILE B 362 7.55 17.37 9.47
C ILE B 362 8.08 15.98 9.23
N ILE B 363 7.18 15.04 9.00
CA ILE B 363 7.55 13.71 8.54
C ILE B 363 6.88 13.53 7.18
N ARG B 364 7.68 13.22 6.15
CA ARG B 364 7.07 13.10 4.83
C ARG B 364 7.24 11.74 4.13
N HIS B 365 6.28 11.44 3.26
CA HIS B 365 6.34 10.29 2.36
C HIS B 365 7.24 10.69 1.19
N ASN B 366 8.44 10.10 1.16
CA ASN B 366 9.46 10.46 0.19
C ASN B 366 9.04 10.28 -1.26
N LYS B 367 8.30 9.22 -1.54
CA LYS B 367 7.83 8.93 -2.91
C LYS B 367 6.94 10.02 -3.50
N THR B 368 5.88 10.38 -2.78
CA THR B 368 4.94 11.41 -3.22
C THR B 368 5.28 12.79 -2.67
N ARG B 369 6.08 12.83 -1.61
CA ARG B 369 6.54 14.09 -0.99
C ARG B 369 5.48 14.77 -0.10
N ASN B 370 4.37 14.09 0.13
CA ASN B 370 3.28 14.56 0.98
C ASN B 370 3.64 14.52 2.46
N ILE B 371 3.14 15.50 3.20
CA ILE B 371 3.38 15.57 4.64
C ILE B 371 2.36 14.71 5.36
N ILE B 372 2.85 13.87 6.26
CA ILE B 372 2.03 12.88 6.92
C ILE B 372 1.91 13.21 8.41
N PHE B 373 3.00 13.69 9.00
CA PHE B 373 2.98 14.20 10.36
C PHE B 373 3.64 15.58 10.38
N PHE B 374 3.03 16.52 11.10
CA PHE B 374 3.48 17.91 11.10
C PHE B 374 3.36 18.35 12.54
N GLY B 375 4.46 18.82 13.11
CA GLY B 375 4.47 19.20 14.51
C GLY B 375 5.53 20.20 14.92
N LYS B 376 5.50 20.54 16.20
CA LYS B 376 6.52 21.37 16.83
C LYS B 376 6.77 20.80 18.19
N PHE B 377 8.04 20.55 18.49
CA PHE B 377 8.44 20.09 19.80
C PHE B 377 8.85 21.30 20.61
N CYS B 378 8.04 21.66 21.60
CA CYS B 378 8.30 22.88 22.37
C CYS B 378 8.86 22.63 23.77
N SER B 379 8.47 21.50 24.38
CA SER B 379 9.01 21.08 25.67
C SER B 379 8.82 19.58 25.90
N PRO B 380 9.79 18.95 26.60
CA PRO B 380 9.64 17.57 27.05
C PRO B 380 8.46 17.36 27.98
S SO4 C . 2.45 -39.78 3.40
O1 SO4 C . 2.39 -39.68 1.93
O2 SO4 C . 1.14 -40.15 3.92
O3 SO4 C . 3.34 -40.87 3.76
O4 SO4 C . 2.90 -38.54 4.00
S SO4 D . 6.33 -9.75 12.17
O1 SO4 D . 5.54 -8.77 11.41
O2 SO4 D . 5.92 -9.66 13.56
O3 SO4 D . 6.08 -11.13 11.73
O4 SO4 D . 7.75 -9.45 11.97
#